data_2LSW
#
_entry.id   2LSW
#
_entity_poly.entity_id   1
_entity_poly.type   'polypeptide(L)'
_entity_poly.pdbx_seq_one_letter_code
;GPLGSSKKEKKKGPEKTDEYLLARFKGDGVKYKAKLIGID
;
_entity_poly.pdbx_strand_id   A
#
# COMPACT_ATOMS: atom_id res chain seq x y z
N SER A 6 -10.21 26.85 -13.89
CA SER A 6 -9.48 25.93 -12.96
C SER A 6 -10.41 24.82 -12.47
N LYS A 7 -11.59 25.17 -12.04
CA LYS A 7 -12.55 24.12 -11.56
C LYS A 7 -12.52 22.90 -12.49
N LYS A 8 -11.81 21.87 -12.12
CA LYS A 8 -11.75 20.66 -12.98
C LYS A 8 -10.88 19.58 -12.32
N GLU A 9 -11.50 18.61 -11.71
CA GLU A 9 -10.71 17.52 -11.05
C GLU A 9 -9.50 18.10 -10.31
N LYS A 10 -9.69 18.48 -9.08
CA LYS A 10 -8.55 19.04 -8.30
C LYS A 10 -7.38 18.06 -8.29
N LYS A 11 -6.43 18.25 -7.40
CA LYS A 11 -5.27 17.33 -7.33
C LYS A 11 -5.73 15.87 -7.41
N LYS A 12 -4.94 15.01 -7.98
CA LYS A 12 -5.33 13.58 -8.09
C LYS A 12 -5.82 13.04 -6.73
N GLY A 13 -6.89 12.29 -6.74
CA GLY A 13 -7.42 11.73 -5.47
C GLY A 13 -7.36 12.77 -4.36
N PRO A 14 -7.52 12.30 -3.15
CA PRO A 14 -7.50 13.18 -1.96
C PRO A 14 -6.09 13.77 -1.73
N GLU A 15 -6.00 14.84 -1.00
CA GLU A 15 -4.69 15.47 -0.74
C GLU A 15 -4.19 15.10 0.65
N LYS A 16 -4.81 14.13 1.18
CA LYS A 16 -4.48 13.62 2.52
C LYS A 16 -3.00 13.21 2.59
N THR A 17 -2.44 13.12 3.76
CA THR A 17 -1.01 12.72 3.86
C THR A 17 -0.60 12.27 5.26
N ASP A 18 -1.32 12.62 6.28
CA ASP A 18 -0.93 12.17 7.66
C ASP A 18 -1.82 11.02 8.09
N GLU A 19 -3.04 11.30 8.36
CA GLU A 19 -3.98 10.23 8.76
C GLU A 19 -4.17 9.28 7.58
N TYR A 20 -3.75 9.73 6.43
CA TYR A 20 -3.86 8.90 5.20
C TYR A 20 -2.78 7.82 5.18
N LEU A 21 -1.73 8.00 5.93
CA LEU A 21 -0.66 6.98 5.96
C LEU A 21 -1.30 5.61 6.10
N LEU A 22 -2.09 5.43 7.12
CA LEU A 22 -2.77 4.13 7.33
C LEU A 22 -3.63 3.81 6.10
N ALA A 23 -4.05 4.81 5.40
CA ALA A 23 -4.86 4.57 4.18
C ALA A 23 -4.01 3.80 3.17
N ARG A 24 -2.82 4.28 2.92
CA ARG A 24 -1.91 3.60 1.96
C ARG A 24 -1.09 2.52 2.68
N PHE A 25 -1.08 2.56 3.98
CA PHE A 25 -0.32 1.56 4.75
C PHE A 25 -0.46 0.17 4.12
N LYS A 26 -1.65 -0.18 3.71
CA LYS A 26 -1.88 -1.51 3.11
C LYS A 26 -1.36 -1.60 1.68
N GLY A 27 -0.58 -0.67 1.27
CA GLY A 27 -0.04 -0.71 -0.12
C GLY A 27 1.47 -0.48 -0.10
N ASP A 28 1.89 0.68 -0.49
CA ASP A 28 3.33 0.99 -0.53
C ASP A 28 3.81 1.60 0.79
N GLY A 29 3.22 1.20 1.88
CA GLY A 29 3.66 1.77 3.19
C GLY A 29 4.86 0.98 3.68
N VAL A 30 4.72 -0.29 3.64
CA VAL A 30 5.78 -1.22 4.07
C VAL A 30 7.07 -0.98 3.28
N LYS A 31 6.97 -0.87 1.98
CA LYS A 31 8.18 -0.69 1.16
C LYS A 31 9.15 0.32 1.79
N TYR A 32 8.75 1.53 2.01
CA TYR A 32 9.66 2.51 2.61
C TYR A 32 9.61 2.41 4.14
N LYS A 33 8.51 2.00 4.69
CA LYS A 33 8.43 1.89 6.16
C LYS A 33 9.66 1.12 6.66
N ALA A 34 9.85 -0.02 6.12
CA ALA A 34 11.01 -0.86 6.50
C ALA A 34 12.30 -0.07 6.36
N LYS A 35 12.50 0.47 5.21
CA LYS A 35 13.73 1.26 4.93
C LYS A 35 13.78 2.55 5.75
N LEU A 36 12.76 3.36 5.69
CA LEU A 36 12.78 4.63 6.45
C LEU A 36 13.14 4.37 7.90
N ILE A 37 12.95 3.17 8.33
CA ILE A 37 13.24 2.78 9.69
C ILE A 37 14.76 2.63 9.86
N GLY A 38 15.36 1.77 9.08
CA GLY A 38 16.81 1.57 9.18
C GLY A 38 17.15 0.09 9.19
N ILE A 39 16.63 -0.63 8.26
CA ILE A 39 16.86 -2.05 8.17
C ILE A 39 18.23 -2.31 7.56
N ASP A 40 18.22 -3.00 6.51
CA ASP A 40 19.48 -3.34 5.81
C ASP A 40 20.23 -2.07 5.40
N SER A 6 -16.70 -30.67 -5.03
CA SER A 6 -17.07 -30.71 -3.58
C SER A 6 -16.56 -29.45 -2.87
N LYS A 7 -15.28 -29.21 -2.92
CA LYS A 7 -14.71 -28.01 -2.25
C LYS A 7 -15.49 -26.75 -2.65
N LYS A 8 -15.44 -25.73 -1.85
CA LYS A 8 -16.17 -24.48 -2.17
C LYS A 8 -15.63 -23.85 -3.46
N GLU A 9 -14.52 -24.33 -3.93
CA GLU A 9 -13.91 -23.76 -5.18
C GLU A 9 -13.65 -22.26 -5.02
N LYS A 10 -12.43 -21.83 -5.26
CA LYS A 10 -12.09 -20.40 -5.11
C LYS A 10 -13.21 -19.51 -5.67
N LYS A 11 -14.15 -19.13 -4.84
CA LYS A 11 -15.25 -18.25 -5.31
C LYS A 11 -14.70 -16.96 -5.91
N LYS A 12 -15.53 -16.17 -6.54
CA LYS A 12 -15.06 -14.91 -7.14
C LYS A 12 -14.25 -14.08 -6.12
N GLY A 13 -12.96 -14.26 -6.09
CA GLY A 13 -12.12 -13.49 -5.13
C GLY A 13 -12.69 -13.59 -3.71
N PRO A 14 -11.94 -13.07 -2.78
CA PRO A 14 -12.35 -13.10 -1.36
C PRO A 14 -13.52 -12.15 -1.11
N GLU A 15 -14.29 -12.40 -0.08
CA GLU A 15 -15.44 -11.53 0.22
C GLU A 15 -15.06 -10.50 1.26
N LYS A 16 -13.80 -10.40 1.44
CA LYS A 16 -13.22 -9.45 2.40
C LYS A 16 -13.37 -8.01 1.92
N THR A 17 -13.34 -7.05 2.80
CA THR A 17 -13.47 -5.64 2.37
C THR A 17 -13.11 -4.66 3.50
N ASP A 18 -13.26 -5.05 4.73
CA ASP A 18 -12.88 -4.14 5.84
C ASP A 18 -11.53 -4.54 6.40
N GLU A 19 -11.49 -5.65 7.06
CA GLU A 19 -10.21 -6.13 7.61
C GLU A 19 -9.24 -6.38 6.45
N TYR A 20 -9.78 -6.43 5.27
CA TYR A 20 -8.95 -6.65 4.05
C TYR A 20 -8.26 -5.34 3.64
N LEU A 21 -8.74 -4.23 4.10
CA LEU A 21 -8.10 -2.93 3.75
C LEU A 21 -6.58 -3.07 3.89
N LEU A 22 -6.13 -3.43 5.05
CA LEU A 22 -4.68 -3.58 5.27
C LEU A 22 -4.14 -4.66 4.35
N ALA A 23 -4.92 -5.66 4.06
CA ALA A 23 -4.44 -6.72 3.16
C ALA A 23 -3.74 -6.07 1.96
N ARG A 24 -4.20 -4.90 1.58
CA ARG A 24 -3.60 -4.18 0.44
C ARG A 24 -2.50 -3.22 0.90
N PHE A 25 -2.46 -2.91 2.17
CA PHE A 25 -1.43 -1.97 2.69
C PHE A 25 -0.03 -2.33 2.19
N LYS A 26 0.16 -3.55 1.73
CA LYS A 26 1.50 -3.97 1.26
C LYS A 26 1.95 -3.25 -0.02
N GLY A 27 1.29 -2.21 -0.38
CA GLY A 27 1.68 -1.46 -1.62
C GLY A 27 2.69 -0.38 -1.27
N ASP A 28 2.22 0.80 -1.02
CA ASP A 28 3.15 1.93 -0.68
C ASP A 28 3.16 2.12 0.84
N GLY A 29 3.57 1.12 1.55
CA GLY A 29 3.63 1.22 3.03
C GLY A 29 4.87 0.50 3.54
N VAL A 30 4.80 -0.79 3.58
CA VAL A 30 5.95 -1.61 4.05
C VAL A 30 7.22 -1.29 3.26
N LYS A 31 7.10 -1.19 1.97
CA LYS A 31 8.30 -0.91 1.14
C LYS A 31 9.21 0.14 1.79
N TYR A 32 8.74 1.33 2.04
CA TYR A 32 9.62 2.34 2.65
C TYR A 32 9.49 2.31 4.18
N LYS A 33 8.36 1.91 4.70
CA LYS A 33 8.21 1.86 6.17
C LYS A 33 9.44 1.24 6.81
N ALA A 34 9.74 0.07 6.37
CA ALA A 34 10.93 -0.65 6.90
C ALA A 34 12.21 0.12 6.61
N LYS A 35 12.37 0.45 5.37
CA LYS A 35 13.58 1.18 4.92
C LYS A 35 13.74 2.53 5.66
N LEU A 36 12.73 3.34 5.68
CA LEU A 36 12.85 4.65 6.37
C LEU A 36 13.40 4.47 7.76
N ILE A 37 13.15 3.34 8.34
CA ILE A 37 13.62 3.04 9.67
C ILE A 37 15.12 2.73 9.63
N GLY A 38 15.49 1.76 8.84
CA GLY A 38 16.92 1.39 8.74
C GLY A 38 17.09 -0.08 9.11
N ILE A 39 16.29 -0.91 8.54
CA ILE A 39 16.34 -2.33 8.80
C ILE A 39 17.53 -2.94 8.09
N ASP A 40 17.25 -3.84 7.25
CA ASP A 40 18.30 -4.54 6.47
C ASP A 40 19.51 -4.84 7.36
N SER A 6 -3.39 -11.28 -18.61
CA SER A 6 -4.48 -10.40 -18.06
C SER A 6 -5.81 -10.73 -18.74
N LYS A 7 -6.20 -11.98 -18.73
CA LYS A 7 -7.48 -12.37 -19.36
C LYS A 7 -8.62 -11.46 -18.90
N LYS A 8 -9.55 -11.18 -19.76
CA LYS A 8 -10.69 -10.30 -19.38
C LYS A 8 -11.19 -10.68 -17.98
N GLU A 9 -11.73 -11.85 -17.83
CA GLU A 9 -12.25 -12.28 -16.50
C GLU A 9 -13.25 -11.25 -15.97
N LYS A 10 -14.01 -11.62 -14.97
CA LYS A 10 -15.02 -10.68 -14.40
C LYS A 10 -14.38 -9.32 -14.09
N LYS A 11 -15.17 -8.40 -13.56
CA LYS A 11 -14.64 -7.06 -13.22
C LYS A 11 -13.41 -7.15 -12.33
N LYS A 12 -13.09 -6.07 -11.66
CA LYS A 12 -11.91 -6.05 -10.77
C LYS A 12 -11.94 -7.21 -9.78
N GLY A 13 -11.12 -7.16 -8.77
CA GLY A 13 -11.06 -8.25 -7.76
C GLY A 13 -12.45 -8.52 -7.19
N PRO A 14 -12.46 -9.20 -6.08
CA PRO A 14 -13.73 -9.55 -5.38
C PRO A 14 -14.44 -8.30 -4.86
N GLU A 15 -15.42 -8.49 -4.02
CA GLU A 15 -16.17 -7.34 -3.47
C GLU A 15 -15.54 -6.85 -2.19
N LYS A 16 -14.40 -7.34 -1.94
CA LYS A 16 -13.63 -6.98 -0.75
C LYS A 16 -13.27 -5.50 -0.80
N THR A 17 -13.78 -4.71 0.11
CA THR A 17 -13.46 -3.27 0.07
C THR A 17 -13.24 -2.69 1.47
N ASP A 18 -13.62 -3.40 2.49
CA ASP A 18 -13.41 -2.86 3.87
C ASP A 18 -12.29 -3.62 4.55
N GLU A 19 -12.53 -4.84 4.87
CA GLU A 19 -11.49 -5.66 5.51
C GLU A 19 -10.33 -5.81 4.52
N TYR A 20 -10.59 -5.50 3.29
CA TYR A 20 -9.57 -5.60 2.22
C TYR A 20 -8.64 -4.39 2.25
N LEU A 21 -9.05 -3.32 2.87
CA LEU A 21 -8.19 -2.11 2.95
C LEU A 21 -6.77 -2.52 3.32
N LEU A 22 -6.62 -3.18 4.44
CA LEU A 22 -5.28 -3.62 4.87
C LEU A 22 -4.69 -4.57 3.83
N ALA A 23 -5.51 -5.37 3.23
CA ALA A 23 -4.98 -6.29 2.19
C ALA A 23 -4.06 -5.50 1.26
N ARG A 24 -4.41 -4.26 1.01
CA ARG A 24 -3.60 -3.40 0.13
C ARG A 24 -2.55 -2.62 0.92
N PHE A 25 -2.72 -2.50 2.21
CA PHE A 25 -1.74 -1.75 3.03
C PHE A 25 -0.31 -2.13 2.65
N LYS A 26 -0.13 -3.32 2.14
CA LYS A 26 1.22 -3.78 1.77
C LYS A 26 1.71 -3.16 0.47
N GLY A 27 1.05 -2.15 0.02
CA GLY A 27 1.45 -1.48 -1.25
C GLY A 27 2.51 -0.42 -0.97
N ASP A 28 2.09 0.79 -0.81
CA ASP A 28 3.05 1.90 -0.54
C ASP A 28 3.15 2.14 0.96
N GLY A 29 3.54 1.13 1.68
CA GLY A 29 3.67 1.29 3.16
C GLY A 29 4.93 0.58 3.63
N VAL A 30 4.85 -0.71 3.73
CA VAL A 30 6.00 -1.52 4.19
C VAL A 30 7.25 -1.24 3.35
N LYS A 31 7.10 -1.19 2.07
CA LYS A 31 8.27 -0.96 1.18
C LYS A 31 9.22 0.10 1.76
N TYR A 32 8.77 1.30 1.98
CA TYR A 32 9.69 2.32 2.52
C TYR A 32 9.64 2.37 4.05
N LYS A 33 8.55 1.98 4.66
CA LYS A 33 8.50 2.01 6.15
C LYS A 33 9.67 1.22 6.70
N ALA A 34 9.90 0.09 6.14
CA ALA A 34 11.02 -0.77 6.60
C ALA A 34 12.33 -0.03 6.48
N LYS A 35 12.59 0.46 5.31
CA LYS A 35 13.84 1.19 5.05
C LYS A 35 13.85 2.53 5.79
N LEU A 36 12.84 3.35 5.60
CA LEU A 36 12.82 4.65 6.29
C LEU A 36 13.05 4.46 7.77
N ILE A 37 12.79 3.28 8.25
CA ILE A 37 12.97 2.96 9.64
C ILE A 37 14.46 2.77 9.95
N GLY A 38 15.08 1.84 9.29
CA GLY A 38 16.53 1.61 9.50
C GLY A 38 16.77 0.69 10.69
N ILE A 39 16.15 -0.44 10.69
CA ILE A 39 16.33 -1.40 11.76
C ILE A 39 17.71 -2.03 11.68
N ASP A 40 17.70 -3.28 11.52
CA ASP A 40 18.96 -4.07 11.41
C ASP A 40 19.99 -3.32 10.56
N SER A 6 5.25 15.94 -24.01
CA SER A 6 4.90 15.77 -22.57
C SER A 6 4.31 17.06 -22.01
N LYS A 7 5.02 18.14 -22.09
CA LYS A 7 4.49 19.43 -21.56
C LYS A 7 3.84 19.21 -20.19
N LYS A 8 2.99 20.11 -19.78
CA LYS A 8 2.31 19.97 -18.45
C LYS A 8 1.85 18.52 -18.24
N GLU A 9 2.68 17.70 -17.65
CA GLU A 9 2.30 16.29 -17.41
C GLU A 9 1.05 16.21 -16.52
N LYS A 10 0.35 15.10 -16.56
CA LYS A 10 -0.87 14.95 -15.73
C LYS A 10 -0.56 15.31 -14.26
N LYS A 11 -1.39 16.12 -13.66
CA LYS A 11 -1.14 16.51 -12.24
C LYS A 11 -0.78 15.29 -11.41
N LYS A 12 0.46 15.18 -11.00
CA LYS A 12 0.88 14.02 -10.19
C LYS A 12 0.13 13.98 -8.86
N GLY A 13 -1.13 13.62 -8.89
CA GLY A 13 -1.92 13.56 -7.64
C GLY A 13 -1.63 14.79 -6.78
N PRO A 14 -2.09 14.74 -5.56
CA PRO A 14 -1.88 15.86 -4.60
C PRO A 14 -0.41 15.98 -4.21
N GLU A 15 -0.05 17.06 -3.57
CA GLU A 15 1.35 17.25 -3.15
C GLU A 15 1.51 16.81 -1.71
N LYS A 16 0.57 16.07 -1.29
CA LYS A 16 0.53 15.53 0.08
C LYS A 16 1.85 14.84 0.42
N THR A 17 2.20 14.82 1.68
CA THR A 17 3.47 14.16 2.07
C THR A 17 3.46 13.75 3.55
N ASP A 18 2.72 14.41 4.38
CA ASP A 18 2.68 14.03 5.83
C ASP A 18 1.44 13.19 6.09
N GLU A 19 0.32 13.79 6.04
CA GLU A 19 -0.94 13.04 6.24
C GLU A 19 -1.08 11.98 5.16
N TYR A 20 -0.29 12.10 4.13
CA TYR A 20 -0.34 11.14 3.01
C TYR A 20 0.45 9.88 3.35
N LEU A 21 1.33 9.93 4.31
CA LEU A 21 2.10 8.73 4.68
C LEU A 21 1.15 7.55 4.79
N LEU A 22 0.15 7.66 5.61
CA LEU A 22 -0.83 6.56 5.77
C LEU A 22 -1.50 6.28 4.43
N ALA A 23 -1.73 7.29 3.65
CA ALA A 23 -2.36 7.06 2.32
C ALA A 23 -1.71 5.83 1.67
N ARG A 24 -0.44 5.66 1.89
CA ARG A 24 0.29 4.50 1.32
C ARG A 24 0.28 3.31 2.28
N PHE A 25 0.02 3.54 3.53
CA PHE A 25 0.01 2.42 4.52
C PHE A 25 -0.79 1.23 3.97
N LYS A 26 -1.87 1.50 3.28
CA LYS A 26 -2.71 0.42 2.74
C LYS A 26 -2.10 -0.24 1.52
N GLY A 27 -0.86 0.01 1.26
CA GLY A 27 -0.20 -0.61 0.08
C GLY A 27 1.31 -0.36 0.13
N ASP A 28 1.75 0.67 -0.53
CA ASP A 28 3.19 0.98 -0.56
C ASP A 28 3.66 1.61 0.75
N GLY A 29 3.17 1.17 1.87
CA GLY A 29 3.62 1.76 3.17
C GLY A 29 4.83 0.98 3.63
N VAL A 30 4.69 -0.30 3.64
CA VAL A 30 5.78 -1.22 4.06
C VAL A 30 7.04 -0.99 3.22
N LYS A 31 6.90 -0.87 1.94
CA LYS A 31 8.09 -0.69 1.07
C LYS A 31 9.10 0.29 1.69
N TYR A 32 8.73 1.52 1.94
CA TYR A 32 9.69 2.46 2.53
C TYR A 32 9.66 2.37 4.06
N LYS A 33 8.56 1.98 4.63
CA LYS A 33 8.49 1.89 6.10
C LYS A 33 9.71 1.14 6.62
N ALA A 34 9.90 -0.04 6.12
CA ALA A 34 11.05 -0.87 6.53
C ALA A 34 12.34 -0.07 6.42
N LYS A 35 12.55 0.48 5.28
CA LYS A 35 13.79 1.27 5.02
C LYS A 35 13.82 2.58 5.83
N LEU A 36 12.80 3.38 5.77
CA LEU A 36 12.81 4.65 6.53
C LEU A 36 13.17 4.40 7.98
N ILE A 37 12.99 3.20 8.41
CA ILE A 37 13.30 2.83 9.77
C ILE A 37 14.82 2.70 9.96
N GLY A 38 15.44 1.86 9.18
CA GLY A 38 16.90 1.70 9.28
C GLY A 38 17.26 0.23 9.40
N ILE A 39 16.77 -0.57 8.51
CA ILE A 39 17.06 -1.99 8.51
C ILE A 39 18.45 -2.23 7.97
N ASP A 40 18.50 -2.95 6.95
CA ASP A 40 19.80 -3.28 6.29
C ASP A 40 20.84 -3.65 7.35
N SER A 6 -13.60 -4.78 -6.89
CA SER A 6 -13.45 -3.46 -6.25
C SER A 6 -12.21 -2.76 -6.80
N LYS A 7 -11.88 -2.98 -8.03
CA LYS A 7 -10.68 -2.33 -8.63
C LYS A 7 -10.63 -0.85 -8.27
N LYS A 8 -9.68 -0.45 -7.47
CA LYS A 8 -9.58 0.98 -7.08
C LYS A 8 -9.60 1.87 -8.33
N GLU A 9 -10.71 2.51 -8.60
CA GLU A 9 -10.80 3.39 -9.81
C GLU A 9 -9.48 4.12 -10.06
N LYS A 10 -8.72 3.66 -11.02
CA LYS A 10 -7.42 4.32 -11.33
C LYS A 10 -7.56 5.84 -11.27
N LYS A 11 -8.70 6.35 -11.65
CA LYS A 11 -8.91 7.82 -11.62
C LYS A 11 -8.53 8.38 -10.24
N LYS A 12 -8.77 9.64 -10.02
CA LYS A 12 -8.43 10.23 -8.70
C LYS A 12 -8.85 9.29 -7.57
N GLY A 13 -7.93 8.91 -6.73
CA GLY A 13 -8.27 7.99 -5.62
C GLY A 13 -9.57 8.43 -4.96
N PRO A 14 -10.07 7.58 -4.10
CA PRO A 14 -11.33 7.87 -3.37
C PRO A 14 -11.14 9.02 -2.39
N GLU A 15 -12.13 9.30 -1.58
CA GLU A 15 -12.00 10.40 -0.61
C GLU A 15 -11.39 9.89 0.68
N LYS A 16 -11.09 8.66 0.66
CA LYS A 16 -10.48 7.99 1.82
C LYS A 16 -9.06 8.53 2.05
N THR A 17 -8.58 8.46 3.25
CA THR A 17 -7.21 8.97 3.52
C THR A 17 -6.69 8.53 4.89
N ASP A 18 -7.55 8.24 5.81
CA ASP A 18 -7.07 7.81 7.16
C ASP A 18 -7.10 6.30 7.27
N GLU A 19 -8.26 5.76 7.34
CA GLU A 19 -8.39 4.29 7.41
C GLU A 19 -7.87 3.69 6.11
N TYR A 20 -7.68 4.53 5.13
CA TYR A 20 -7.19 4.06 3.82
C TYR A 20 -5.66 3.86 3.86
N LEU A 21 -5.00 4.47 4.81
CA LEU A 21 -3.53 4.28 4.93
C LEU A 21 -3.20 2.79 4.80
N LEU A 22 -3.78 2.00 5.67
CA LEU A 22 -3.53 0.55 5.62
C LEU A 22 -3.93 0.00 4.25
N ALA A 23 -4.95 0.57 3.67
CA ALA A 23 -5.37 0.10 2.34
C ALA A 23 -4.11 0.02 1.46
N ARG A 24 -3.19 0.92 1.66
CA ARG A 24 -1.94 0.93 0.87
C ARG A 24 -0.85 0.10 1.56
N PHE A 25 -0.97 -0.12 2.84
CA PHE A 25 0.07 -0.91 3.57
C PHE A 25 0.49 -2.12 2.73
N LYS A 26 -0.43 -2.68 2.01
CA LYS A 26 -0.13 -3.87 1.19
C LYS A 26 0.61 -3.51 -0.10
N GLY A 27 1.09 -2.31 -0.18
CA GLY A 27 1.81 -1.86 -1.40
C GLY A 27 2.83 -0.79 -1.04
N ASP A 28 2.45 0.45 -1.19
CA ASP A 28 3.38 1.56 -0.86
C ASP A 28 3.31 1.86 0.63
N GLY A 29 3.53 0.87 1.43
CA GLY A 29 3.48 1.07 2.90
C GLY A 29 4.75 0.49 3.51
N VAL A 30 4.77 -0.81 3.64
CA VAL A 30 5.95 -1.50 4.19
C VAL A 30 7.22 -1.11 3.43
N LYS A 31 7.13 -1.02 2.15
CA LYS A 31 8.32 -0.68 1.32
C LYS A 31 9.18 0.41 1.96
N TYR A 32 8.65 1.58 2.20
CA TYR A 32 9.49 2.62 2.81
C TYR A 32 9.39 2.59 4.34
N LYS A 33 8.30 2.16 4.88
CA LYS A 33 8.18 2.12 6.37
C LYS A 33 9.35 1.35 6.94
N ALA A 34 9.65 0.25 6.34
CA ALA A 34 10.78 -0.60 6.79
C ALA A 34 12.10 0.08 6.46
N LYS A 35 12.23 0.46 5.25
CA LYS A 35 13.46 1.13 4.75
C LYS A 35 13.75 2.42 5.54
N LEU A 36 12.81 3.31 5.63
CA LEU A 36 13.05 4.57 6.36
C LEU A 36 13.61 4.30 7.74
N ILE A 37 13.28 3.17 8.27
CA ILE A 37 13.74 2.77 9.58
C ILE A 37 15.20 2.35 9.52
N GLY A 38 15.51 1.41 8.68
CA GLY A 38 16.91 0.95 8.55
C GLY A 38 17.03 -0.46 9.10
N ILE A 39 16.19 -1.32 8.63
CA ILE A 39 16.21 -2.70 9.07
C ILE A 39 17.39 -3.43 8.47
N ASP A 40 17.10 -4.41 7.73
CA ASP A 40 18.15 -5.24 7.08
C ASP A 40 19.32 -4.35 6.62
N SER A 6 -11.92 -19.65 -14.23
CA SER A 6 -12.41 -18.24 -14.34
C SER A 6 -11.24 -17.27 -14.46
N LYS A 7 -10.49 -17.34 -15.52
CA LYS A 7 -9.33 -16.42 -15.69
C LYS A 7 -9.70 -15.01 -15.22
N LYS A 8 -10.71 -14.42 -15.78
CA LYS A 8 -11.12 -13.06 -15.36
C LYS A 8 -9.89 -12.13 -15.33
N GLU A 9 -10.07 -10.89 -14.97
CA GLU A 9 -8.92 -9.96 -14.92
C GLU A 9 -7.79 -10.58 -14.09
N LYS A 10 -6.75 -9.83 -13.82
CA LYS A 10 -5.63 -10.37 -13.01
C LYS A 10 -6.16 -11.23 -11.85
N LYS A 11 -5.33 -12.03 -11.26
CA LYS A 11 -5.79 -12.90 -10.15
C LYS A 11 -6.22 -12.06 -8.94
N LYS A 12 -7.18 -11.20 -9.12
CA LYS A 12 -7.64 -10.35 -7.99
C LYS A 12 -7.95 -11.21 -6.77
N GLY A 13 -7.79 -10.66 -5.59
CA GLY A 13 -8.07 -11.43 -4.35
C GLY A 13 -9.49 -11.96 -4.38
N PRO A 14 -9.97 -12.30 -3.21
CA PRO A 14 -11.34 -12.83 -3.05
C PRO A 14 -12.38 -11.78 -3.41
N GLU A 15 -13.61 -12.00 -3.04
CA GLU A 15 -14.69 -11.03 -3.37
C GLU A 15 -14.77 -9.92 -2.34
N LYS A 16 -13.81 -9.91 -1.51
CA LYS A 16 -13.71 -8.90 -0.46
C LYS A 16 -13.62 -7.50 -1.07
N THR A 17 -13.89 -6.47 -0.31
CA THR A 17 -13.81 -5.10 -0.89
C THR A 17 -13.76 -4.02 0.19
N ASP A 18 -14.31 -4.26 1.34
CA ASP A 18 -14.28 -3.22 2.40
C ASP A 18 -13.14 -3.48 3.36
N GLU A 19 -13.26 -4.50 4.13
CA GLU A 19 -12.18 -4.85 5.07
C GLU A 19 -10.93 -5.24 4.28
N TYR A 20 -11.11 -5.46 3.01
CA TYR A 20 -9.97 -5.84 2.13
C TYR A 20 -9.14 -4.62 1.74
N LEU A 21 -9.67 -3.44 1.84
CA LEU A 21 -8.87 -2.24 1.48
C LEU A 21 -7.53 -2.33 2.19
N LEU A 22 -7.55 -2.47 3.49
CA LEU A 22 -6.29 -2.57 4.25
C LEU A 22 -5.49 -3.77 3.75
N ALA A 23 -6.16 -4.74 3.22
CA ALA A 23 -5.44 -5.92 2.69
C ALA A 23 -4.38 -5.43 1.70
N ARG A 24 -4.72 -4.42 0.94
CA ARG A 24 -3.77 -3.86 -0.05
C ARG A 24 -2.92 -2.74 0.56
N PHE A 25 -3.36 -2.19 1.66
CA PHE A 25 -2.60 -1.09 2.31
C PHE A 25 -1.10 -1.40 2.32
N LYS A 26 -0.73 -2.64 2.24
CA LYS A 26 0.70 -3.01 2.26
C LYS A 26 1.42 -2.66 0.96
N GLY A 27 0.79 -1.88 0.14
CA GLY A 27 1.40 -1.49 -1.17
C GLY A 27 2.50 -0.47 -0.92
N ASP A 28 2.13 0.76 -0.83
CA ASP A 28 3.12 1.86 -0.60
C ASP A 28 3.23 2.14 0.89
N GLY A 29 3.59 1.15 1.65
CA GLY A 29 3.73 1.34 3.12
C GLY A 29 4.97 0.60 3.61
N VAL A 30 4.84 -0.68 3.73
CA VAL A 30 5.96 -1.53 4.20
C VAL A 30 7.22 -1.28 3.37
N LYS A 31 7.08 -1.21 2.07
CA LYS A 31 8.24 -1.00 1.19
C LYS A 31 9.21 0.04 1.76
N TYR A 32 8.77 1.25 1.98
CA TYR A 32 9.69 2.27 2.54
C TYR A 32 9.59 2.31 4.07
N LYS A 33 8.46 1.93 4.62
CA LYS A 33 8.34 1.95 6.10
C LYS A 33 9.54 1.25 6.71
N ALA A 34 9.85 0.12 6.19
CA ALA A 34 11.00 -0.66 6.69
C ALA A 34 12.28 0.13 6.47
N LYS A 35 12.49 0.52 5.26
CA LYS A 35 13.70 1.29 4.90
C LYS A 35 13.78 2.59 5.69
N LEU A 36 12.75 3.40 5.67
CA LEU A 36 12.79 4.67 6.42
C LEU A 36 13.20 4.42 7.86
N ILE A 37 12.90 3.27 8.34
CA ILE A 37 13.24 2.89 9.69
C ILE A 37 14.75 2.57 9.79
N GLY A 38 15.21 1.65 8.99
CA GLY A 38 16.64 1.30 9.02
C GLY A 38 16.81 -0.19 9.28
N ILE A 39 16.11 -0.98 8.54
CA ILE A 39 16.19 -2.42 8.68
C ILE A 39 17.49 -2.94 8.12
N ASP A 40 17.37 -3.76 7.17
CA ASP A 40 18.56 -4.37 6.50
C ASP A 40 19.58 -4.80 7.56
N SER A 6 13.39 11.32 -14.92
CA SER A 6 12.86 12.47 -14.14
C SER A 6 13.08 12.24 -12.64
N LYS A 7 14.26 11.84 -12.26
CA LYS A 7 14.54 11.59 -10.82
C LYS A 7 13.51 10.60 -10.24
N LYS A 8 13.78 10.07 -9.08
CA LYS A 8 12.82 9.12 -8.47
C LYS A 8 11.41 9.70 -8.42
N GLU A 9 10.46 8.95 -7.95
CA GLU A 9 9.06 9.45 -7.85
C GLU A 9 8.55 9.89 -9.23
N LYS A 10 7.50 9.29 -9.70
CA LYS A 10 6.94 9.66 -11.03
C LYS A 10 6.74 11.17 -11.13
N LYS A 11 6.27 11.65 -12.24
CA LYS A 11 6.04 13.12 -12.42
C LYS A 11 5.53 13.74 -11.12
N LYS A 12 5.65 15.04 -10.99
CA LYS A 12 5.17 15.72 -9.75
C LYS A 12 3.82 15.17 -9.32
N GLY A 13 3.82 14.17 -8.47
CA GLY A 13 2.54 13.58 -8.02
C GLY A 13 1.60 14.67 -7.49
N PRO A 14 0.50 14.26 -6.94
CA PRO A 14 -0.49 15.21 -6.38
C PRO A 14 0.08 15.92 -5.16
N GLU A 15 -0.74 16.64 -4.45
CA GLU A 15 -0.26 17.36 -3.25
C GLU A 15 -0.41 16.50 -2.02
N LYS A 16 -0.77 15.32 -2.27
CA LYS A 16 -0.96 14.32 -1.20
C LYS A 16 0.40 13.87 -0.65
N THR A 17 0.49 13.74 0.64
CA THR A 17 1.77 13.29 1.24
C THR A 17 1.62 12.98 2.73
N ASP A 18 0.68 13.58 3.38
CA ASP A 18 0.48 13.29 4.84
C ASP A 18 -0.71 12.37 4.99
N GLU A 19 -1.87 12.87 4.74
CA GLU A 19 -3.08 12.04 4.82
C GLU A 19 -2.97 10.93 3.78
N TYR A 20 -2.06 11.10 2.85
CA TYR A 20 -1.86 10.11 1.78
C TYR A 20 -1.04 8.92 2.31
N LEU A 21 -0.34 9.09 3.40
CA LEU A 21 0.44 7.96 3.96
C LEU A 21 -0.41 6.71 3.98
N LEU A 22 -1.55 6.77 4.61
CA LEU A 22 -2.45 5.59 4.68
C LEU A 22 -2.90 5.20 3.28
N ALA A 23 -3.16 6.17 2.44
CA ALA A 23 -3.59 5.83 1.06
C ALA A 23 -2.68 4.73 0.51
N ARG A 24 -1.42 4.82 0.82
CA ARG A 24 -0.44 3.81 0.33
C ARG A 24 -0.28 2.66 1.34
N PHE A 25 -0.68 2.86 2.56
CA PHE A 25 -0.53 1.80 3.59
C PHE A 25 -0.93 0.43 3.04
N LYS A 26 -2.00 0.36 2.29
CA LYS A 26 -2.47 -0.93 1.74
C LYS A 26 -1.60 -1.44 0.60
N GLY A 27 -0.46 -0.86 0.42
CA GLY A 27 0.43 -1.31 -0.68
C GLY A 27 1.86 -0.86 -0.42
N ASP A 28 2.24 0.24 -1.00
CA ASP A 28 3.63 0.74 -0.83
C ASP A 28 3.84 1.39 0.55
N GLY A 29 3.24 0.86 1.58
CA GLY A 29 3.44 1.48 2.93
C GLY A 29 4.66 0.83 3.56
N VAL A 30 4.66 -0.45 3.54
CA VAL A 30 5.77 -1.25 4.11
C VAL A 30 7.10 -0.87 3.46
N LYS A 31 7.11 -0.78 2.16
CA LYS A 31 8.38 -0.46 1.45
C LYS A 31 9.18 0.65 2.13
N TYR A 32 8.63 1.81 2.29
CA TYR A 32 9.40 2.88 2.93
C TYR A 32 9.37 2.75 4.47
N LYS A 33 8.29 2.33 5.04
CA LYS A 33 8.27 2.17 6.51
C LYS A 33 9.43 1.27 6.92
N ALA A 34 9.58 0.21 6.21
CA ALA A 34 10.68 -0.74 6.48
C ALA A 34 12.03 -0.08 6.25
N LYS A 35 12.18 0.48 5.10
CA LYS A 35 13.45 1.13 4.71
C LYS A 35 13.73 2.39 5.54
N LEU A 36 12.78 3.28 5.64
CA LEU A 36 13.01 4.53 6.40
C LEU A 36 13.55 4.21 7.79
N ILE A 37 13.32 3.02 8.23
CA ILE A 37 13.79 2.59 9.52
C ILE A 37 15.30 2.34 9.48
N GLY A 38 15.72 1.49 8.58
CA GLY A 38 17.17 1.22 8.45
C GLY A 38 17.63 0.15 9.42
N ILE A 39 16.98 -0.97 9.41
CA ILE A 39 17.34 -2.06 10.28
C ILE A 39 18.66 -2.67 9.86
N ASP A 40 18.60 -3.87 9.52
CA ASP A 40 19.81 -4.62 9.07
C ASP A 40 20.67 -3.74 8.18
N SER A 6 3.62 -1.24 -23.64
CA SER A 6 2.20 -1.45 -23.25
C SER A 6 2.01 -1.17 -21.75
N LYS A 7 1.50 -0.02 -21.41
CA LYS A 7 1.30 0.32 -19.98
C LYS A 7 0.26 -0.61 -19.34
N LYS A 8 -0.42 -1.39 -20.14
CA LYS A 8 -1.45 -2.31 -19.58
C LYS A 8 -0.88 -3.11 -18.40
N GLU A 9 -1.66 -4.00 -17.84
CA GLU A 9 -1.18 -4.80 -16.69
C GLU A 9 0.25 -5.31 -16.94
N LYS A 10 1.06 -5.34 -15.91
CA LYS A 10 2.45 -5.81 -16.06
C LYS A 10 2.48 -7.26 -16.57
N LYS A 11 3.62 -7.90 -16.48
CA LYS A 11 3.72 -9.32 -16.95
C LYS A 11 2.53 -10.14 -16.44
N LYS A 12 2.42 -11.37 -16.86
CA LYS A 12 1.29 -12.22 -16.42
C LYS A 12 1.14 -12.11 -14.89
N GLY A 13 0.11 -12.71 -14.34
CA GLY A 13 -0.09 -12.64 -12.88
C GLY A 13 -1.32 -13.45 -12.49
N PRO A 14 -1.61 -13.45 -11.21
CA PRO A 14 -2.78 -14.19 -10.68
C PRO A 14 -4.09 -13.52 -11.12
N GLU A 15 -5.17 -14.22 -11.03
CA GLU A 15 -6.47 -13.64 -11.43
C GLU A 15 -7.21 -13.13 -10.21
N LYS A 16 -6.50 -13.06 -9.18
CA LYS A 16 -7.04 -12.58 -7.89
C LYS A 16 -7.52 -11.14 -8.01
N THR A 17 -8.39 -10.71 -7.14
CA THR A 17 -8.87 -9.31 -7.23
C THR A 17 -9.64 -8.87 -5.98
N ASP A 18 -10.21 -9.79 -5.25
CA ASP A 18 -10.94 -9.39 -4.01
C ASP A 18 -10.08 -9.61 -2.79
N GLU A 19 -9.86 -10.84 -2.47
CA GLU A 19 -8.99 -11.16 -1.31
C GLU A 19 -7.59 -10.64 -1.60
N TYR A 20 -7.34 -10.33 -2.83
CA TYR A 20 -6.01 -9.81 -3.24
C TYR A 20 -5.89 -8.33 -2.88
N LEU A 21 -6.98 -7.66 -2.66
CA LEU A 21 -6.91 -6.23 -2.29
C LEU A 21 -5.84 -6.03 -1.22
N LEU A 22 -5.96 -6.73 -0.13
CA LEU A 22 -4.98 -6.59 0.96
C LEU A 22 -3.60 -7.04 0.46
N ALA A 23 -3.55 -8.07 -0.34
CA ALA A 23 -2.25 -8.51 -0.86
C ALA A 23 -1.48 -7.28 -1.37
N ARG A 24 -2.20 -6.35 -1.96
CA ARG A 24 -1.56 -5.13 -2.49
C ARG A 24 -1.53 -4.02 -1.44
N PHE A 25 -2.36 -4.12 -0.43
CA PHE A 25 -2.39 -3.06 0.62
C PHE A 25 -0.98 -2.65 1.02
N LYS A 26 -0.10 -3.60 1.20
CA LYS A 26 1.28 -3.30 1.61
C LYS A 26 2.11 -2.72 0.45
N GLY A 27 1.46 -2.34 -0.59
CA GLY A 27 2.16 -1.77 -1.77
C GLY A 27 3.08 -0.62 -1.34
N ASP A 28 2.51 0.53 -1.18
CA ASP A 28 3.32 1.72 -0.77
C ASP A 28 3.12 1.99 0.71
N GLY A 29 3.55 1.09 1.53
CA GLY A 29 3.41 1.27 3.00
C GLY A 29 4.64 0.65 3.67
N VAL A 30 4.71 -0.63 3.62
CA VAL A 30 5.83 -1.38 4.23
C VAL A 30 7.16 -1.10 3.51
N LYS A 31 7.17 -1.14 2.21
CA LYS A 31 8.44 -0.93 1.47
C LYS A 31 9.27 0.20 2.06
N TYR A 32 8.76 1.40 2.12
CA TYR A 32 9.57 2.50 2.68
C TYR A 32 9.53 2.47 4.21
N LYS A 33 8.44 2.00 4.79
CA LYS A 33 8.40 1.94 6.27
C LYS A 33 9.64 1.22 6.77
N ALA A 34 9.82 0.05 6.26
CA ALA A 34 11.00 -0.76 6.63
C ALA A 34 12.28 0.02 6.39
N LYS A 35 12.42 0.49 5.20
CA LYS A 35 13.63 1.25 4.81
C LYS A 35 13.75 2.56 5.61
N LEU A 36 12.74 3.39 5.60
CA LEU A 36 12.83 4.66 6.35
C LEU A 36 13.28 4.39 7.77
N ILE A 37 13.01 3.21 8.23
CA ILE A 37 13.40 2.80 9.56
C ILE A 37 14.90 2.51 9.57
N GLY A 38 15.31 1.52 8.83
CA GLY A 38 16.75 1.18 8.74
C GLY A 38 17.29 0.75 10.10
N ILE A 39 16.55 -0.03 10.79
CA ILE A 39 16.99 -0.53 12.08
C ILE A 39 18.08 -1.55 11.90
N ASP A 40 17.81 -2.71 12.31
CA ASP A 40 18.80 -3.82 12.19
C ASP A 40 20.20 -3.33 12.56
N SER A 6 -4.81 1.43 -12.52
CA SER A 6 -4.54 2.75 -13.15
C SER A 6 -4.14 3.77 -12.08
N LYS A 7 -3.49 3.33 -11.04
CA LYS A 7 -3.07 4.26 -9.96
C LYS A 7 -4.28 4.86 -9.26
N LYS A 8 -5.04 5.67 -9.95
CA LYS A 8 -6.24 6.29 -9.32
C LYS A 8 -7.47 6.05 -10.21
N GLU A 9 -8.62 5.90 -9.59
CA GLU A 9 -9.86 5.69 -10.37
C GLU A 9 -11.05 5.56 -9.42
N LYS A 10 -10.93 4.73 -8.41
CA LYS A 10 -12.06 4.57 -7.45
C LYS A 10 -12.68 5.93 -7.11
N LYS A 11 -13.96 5.98 -6.90
CA LYS A 11 -14.62 7.28 -6.57
C LYS A 11 -13.75 8.05 -5.58
N LYS A 12 -13.38 9.26 -5.93
CA LYS A 12 -12.53 10.07 -5.02
C LYS A 12 -12.97 9.90 -3.56
N GLY A 13 -12.14 9.26 -2.76
CA GLY A 13 -12.49 9.05 -1.33
C GLY A 13 -12.82 10.39 -0.67
N PRO A 14 -12.77 10.39 0.62
CA PRO A 14 -13.05 11.60 1.41
C PRO A 14 -11.98 12.67 1.16
N GLU A 15 -12.03 13.75 1.89
CA GLU A 15 -11.02 14.83 1.70
C GLU A 15 -9.86 14.62 2.65
N LYS A 16 -9.84 13.47 3.20
CA LYS A 16 -8.79 13.08 4.15
C LYS A 16 -7.42 13.06 3.47
N THR A 17 -6.38 13.26 4.22
CA THR A 17 -5.03 13.25 3.62
C THR A 17 -3.94 13.01 4.67
N ASP A 18 -4.17 13.41 5.89
CA ASP A 18 -3.15 13.19 6.95
C ASP A 18 -3.42 11.89 7.68
N GLU A 19 -4.47 11.87 8.42
CA GLU A 19 -4.85 10.64 9.17
C GLU A 19 -5.20 9.55 8.17
N TYR A 20 -5.37 9.93 6.94
CA TYR A 20 -5.72 8.96 5.87
C TYR A 20 -4.44 8.28 5.35
N LEU A 21 -3.31 8.86 5.61
CA LEU A 21 -2.03 8.23 5.17
C LEU A 21 -2.06 6.75 5.56
N LEU A 22 -2.26 6.48 6.82
CA LEU A 22 -2.32 5.08 7.28
C LEU A 22 -3.43 4.35 6.53
N ALA A 23 -4.49 5.05 6.21
CA ALA A 23 -5.57 4.39 5.46
C ALA A 23 -4.97 3.65 4.27
N ARG A 24 -4.02 4.28 3.61
CA ARG A 24 -3.36 3.66 2.44
C ARG A 24 -2.12 2.88 2.85
N PHE A 25 -1.62 3.11 4.03
CA PHE A 25 -0.39 2.40 4.49
C PHE A 25 -0.44 0.92 4.11
N LYS A 26 -1.63 0.38 3.93
CA LYS A 26 -1.76 -1.05 3.59
C LYS A 26 -1.29 -1.37 2.17
N GLY A 27 -0.62 -0.45 1.55
CA GLY A 27 -0.13 -0.68 0.15
C GLY A 27 1.36 -0.42 0.08
N ASP A 28 1.75 0.70 -0.46
CA ASP A 28 3.19 1.03 -0.57
C ASP A 28 3.71 1.62 0.73
N GLY A 29 3.23 1.16 1.85
CA GLY A 29 3.73 1.71 3.14
C GLY A 29 4.93 0.90 3.59
N VAL A 30 4.74 -0.37 3.62
CA VAL A 30 5.80 -1.32 4.03
C VAL A 30 7.07 -1.07 3.22
N LYS A 31 6.94 -0.92 1.93
CA LYS A 31 8.14 -0.72 1.09
C LYS A 31 9.12 0.28 1.72
N TYR A 32 8.72 1.48 1.97
CA TYR A 32 9.65 2.45 2.57
C TYR A 32 9.60 2.40 4.10
N LYS A 33 8.49 2.03 4.66
CA LYS A 33 8.43 1.97 6.15
C LYS A 33 9.64 1.24 6.66
N ALA A 34 9.82 0.06 6.20
CA ALA A 34 10.98 -0.76 6.62
C ALA A 34 12.27 0.03 6.44
N LYS A 35 12.46 0.51 5.27
CA LYS A 35 13.68 1.29 4.95
C LYS A 35 13.77 2.58 5.77
N LEU A 36 12.76 3.40 5.76
CA LEU A 36 12.83 4.65 6.54
C LEU A 36 13.28 4.36 7.96
N ILE A 37 13.01 3.16 8.40
CA ILE A 37 13.40 2.74 9.72
C ILE A 37 14.89 2.45 9.74
N GLY A 38 15.30 1.44 9.02
CA GLY A 38 16.75 1.09 8.95
C GLY A 38 17.30 0.83 10.33
N ILE A 39 16.55 0.15 11.12
CA ILE A 39 16.97 -0.20 12.46
C ILE A 39 18.04 -1.26 12.41
N ASP A 40 17.74 -2.35 12.98
CA ASP A 40 18.69 -3.50 13.02
C ASP A 40 20.12 -3.00 13.24
N SER A 6 3.21 7.99 -2.89
CA SER A 6 2.62 8.88 -1.86
C SER A 6 1.68 9.90 -2.50
N LYS A 7 2.21 10.98 -3.01
CA LYS A 7 1.35 12.01 -3.64
C LYS A 7 0.30 11.35 -4.55
N LYS A 8 0.74 10.75 -5.62
CA LYS A 8 -0.23 10.09 -6.54
C LYS A 8 -1.31 11.07 -6.98
N GLU A 9 -0.97 12.33 -7.15
CA GLU A 9 -1.97 13.34 -7.56
C GLU A 9 -2.91 12.77 -8.62
N LYS A 10 -2.44 11.85 -9.42
CA LYS A 10 -3.31 11.27 -10.49
C LYS A 10 -4.57 10.66 -9.86
N LYS A 11 -5.73 11.05 -10.34
CA LYS A 11 -7.02 10.52 -9.82
C LYS A 11 -6.87 10.03 -8.38
N LYS A 12 -6.57 10.91 -7.47
CA LYS A 12 -6.38 10.52 -6.05
C LYS A 12 -7.70 9.98 -5.46
N GLY A 13 -8.23 8.92 -6.00
CA GLY A 13 -9.48 8.35 -5.45
C GLY A 13 -10.52 9.46 -5.26
N PRO A 14 -11.38 9.22 -4.32
CA PRO A 14 -12.46 10.19 -3.99
C PRO A 14 -11.90 11.51 -3.48
N GLU A 15 -12.72 12.28 -2.82
CA GLU A 15 -12.27 13.60 -2.31
C GLU A 15 -11.47 13.46 -1.04
N LYS A 16 -11.29 12.26 -0.67
CA LYS A 16 -10.52 11.95 0.55
C LYS A 16 -9.06 12.33 0.35
N THR A 17 -8.38 12.69 1.38
CA THR A 17 -6.96 13.09 1.22
C THR A 17 -6.22 13.17 2.56
N ASP A 18 -6.91 13.38 3.63
CA ASP A 18 -6.21 13.45 4.95
C ASP A 18 -6.31 12.12 5.66
N GLU A 19 -7.47 11.78 6.09
CA GLU A 19 -7.67 10.48 6.76
C GLU A 19 -7.42 9.36 5.77
N TYR A 20 -7.34 9.71 4.52
CA TYR A 20 -7.12 8.70 3.45
C TYR A 20 -5.63 8.36 3.33
N LEU A 21 -4.75 9.19 3.85
CA LEU A 21 -3.31 8.88 3.77
C LEU A 21 -3.06 7.46 4.28
N LEU A 22 -3.47 7.20 5.48
CA LEU A 22 -3.27 5.85 6.05
C LEU A 22 -4.05 4.81 5.24
N ALA A 23 -5.16 5.19 4.69
CA ALA A 23 -5.94 4.22 3.88
C ALA A 23 -4.98 3.48 2.95
N ARG A 24 -4.00 4.18 2.43
CA ARG A 24 -3.02 3.56 1.52
C ARG A 24 -1.82 2.99 2.28
N PHE A 25 -1.62 3.42 3.49
CA PHE A 25 -0.45 2.92 4.28
C PHE A 25 -0.33 1.40 4.12
N LYS A 26 -1.44 0.72 3.99
CA LYS A 26 -1.41 -0.75 3.86
C LYS A 26 -1.01 -1.19 2.46
N GLY A 27 -0.54 -0.28 1.68
CA GLY A 27 -0.12 -0.59 0.29
C GLY A 27 1.39 -0.37 0.17
N ASP A 28 1.78 0.74 -0.38
CA ASP A 28 3.22 1.04 -0.53
C ASP A 28 3.78 1.62 0.77
N GLY A 29 3.29 1.20 1.90
CA GLY A 29 3.80 1.75 3.18
C GLY A 29 4.99 0.92 3.60
N VAL A 30 4.78 -0.35 3.64
CA VAL A 30 5.83 -1.30 4.03
C VAL A 30 7.10 -1.07 3.21
N LYS A 31 6.96 -0.93 1.93
CA LYS A 31 8.15 -0.74 1.08
C LYS A 31 9.14 0.25 1.70
N TYR A 32 8.74 1.46 1.96
CA TYR A 32 9.67 2.42 2.57
C TYR A 32 9.59 2.39 4.10
N LYS A 33 8.46 2.00 4.65
CA LYS A 33 8.36 1.95 6.14
C LYS A 33 9.59 1.23 6.69
N ALA A 34 9.82 0.07 6.19
CA ALA A 34 10.98 -0.73 6.62
C ALA A 34 12.26 0.07 6.42
N LYS A 35 12.42 0.53 5.23
CA LYS A 35 13.63 1.31 4.87
C LYS A 35 13.75 2.58 5.72
N LEU A 36 12.73 3.41 5.74
CA LEU A 36 12.83 4.64 6.54
C LEU A 36 13.27 4.33 7.95
N ILE A 37 12.97 3.16 8.40
CA ILE A 37 13.34 2.73 9.73
C ILE A 37 14.84 2.41 9.79
N GLY A 38 15.29 1.51 8.97
CA GLY A 38 16.71 1.15 8.98
C GLY A 38 16.89 -0.36 8.95
N ILE A 39 16.25 -0.98 8.02
CA ILE A 39 16.33 -2.43 7.88
C ILE A 39 17.66 -2.83 7.30
N ASP A 40 17.59 -3.46 6.21
CA ASP A 40 18.81 -3.94 5.50
C ASP A 40 19.86 -4.41 6.50
N SER A 6 -17.96 -1.74 -20.98
CA SER A 6 -17.86 -0.89 -22.20
C SER A 6 -16.54 -0.12 -22.21
N LYS A 7 -15.45 -0.81 -22.07
CA LYS A 7 -14.12 -0.13 -22.07
C LYS A 7 -14.06 0.93 -20.98
N LYS A 8 -14.65 0.67 -19.84
CA LYS A 8 -14.63 1.67 -18.74
C LYS A 8 -13.21 2.19 -18.51
N GLU A 9 -13.04 3.48 -18.47
CA GLU A 9 -11.70 4.06 -18.25
C GLU A 9 -11.04 3.49 -16.98
N LYS A 10 -11.35 4.04 -15.84
CA LYS A 10 -10.75 3.54 -14.57
C LYS A 10 -10.72 2.02 -14.54
N LYS A 11 -9.61 1.44 -14.16
CA LYS A 11 -9.50 -0.04 -14.10
C LYS A 11 -10.75 -0.64 -13.43
N LYS A 12 -11.39 -1.57 -14.07
CA LYS A 12 -12.60 -2.19 -13.47
C LYS A 12 -12.30 -2.65 -12.04
N GLY A 13 -13.26 -2.51 -11.15
CA GLY A 13 -13.04 -2.93 -9.76
C GLY A 13 -14.28 -2.59 -8.91
N PRO A 14 -14.14 -2.79 -7.63
CA PRO A 14 -15.25 -2.50 -6.69
C PRO A 14 -15.54 -1.01 -6.62
N GLU A 15 -16.68 -0.64 -6.09
CA GLU A 15 -17.04 0.79 -6.00
C GLU A 15 -16.57 1.36 -4.67
N LYS A 16 -15.81 0.59 -4.02
CA LYS A 16 -15.26 0.99 -2.72
C LYS A 16 -14.38 2.22 -2.88
N THR A 17 -14.26 3.03 -1.86
CA THR A 17 -13.43 4.24 -1.99
C THR A 17 -13.13 4.90 -0.64
N ASP A 18 -13.94 4.66 0.36
CA ASP A 18 -13.65 5.28 1.69
C ASP A 18 -12.98 4.28 2.60
N GLU A 19 -13.71 3.31 3.02
CA GLU A 19 -13.12 2.25 3.88
C GLU A 19 -12.07 1.49 3.08
N TYR A 20 -12.07 1.70 1.80
CA TYR A 20 -11.10 1.01 0.92
C TYR A 20 -9.74 1.72 0.96
N LEU A 21 -9.70 2.95 1.39
CA LEU A 21 -8.41 3.67 1.47
C LEU A 21 -7.38 2.80 2.17
N LEU A 22 -7.69 2.38 3.36
CA LEU A 22 -6.75 1.53 4.12
C LEU A 22 -6.52 0.22 3.38
N ALA A 23 -7.51 -0.25 2.70
CA ALA A 23 -7.33 -1.51 1.94
C ALA A 23 -6.00 -1.46 1.19
N ARG A 24 -5.65 -0.30 0.69
CA ARG A 24 -4.38 -0.14 -0.05
C ARG A 24 -3.22 0.25 0.88
N PHE A 25 -3.53 0.77 2.04
CA PHE A 25 -2.46 1.19 2.98
C PHE A 25 -1.33 0.15 3.02
N LYS A 26 -1.67 -1.12 3.02
CA LYS A 26 -0.62 -2.16 3.06
C LYS A 26 0.10 -2.31 1.73
N GLY A 27 -0.08 -1.38 0.85
CA GLY A 27 0.59 -1.47 -0.47
C GLY A 27 1.96 -0.83 -0.39
N ASP A 28 2.08 0.39 -0.83
CA ASP A 28 3.39 1.07 -0.80
C ASP A 28 3.68 1.63 0.60
N GLY A 29 3.32 0.94 1.64
CA GLY A 29 3.59 1.48 3.01
C GLY A 29 4.82 0.80 3.58
N VAL A 30 4.74 -0.47 3.75
CA VAL A 30 5.87 -1.26 4.29
C VAL A 30 7.15 -0.96 3.50
N LYS A 31 7.05 -0.89 2.21
CA LYS A 31 8.24 -0.64 1.38
C LYS A 31 9.15 0.44 1.99
N TYR A 32 8.67 1.63 2.17
CA TYR A 32 9.53 2.67 2.75
C TYR A 32 9.49 2.60 4.27
N LYS A 33 8.41 2.14 4.84
CA LYS A 33 8.34 2.05 6.31
C LYS A 33 9.52 1.24 6.81
N ALA A 34 9.78 0.17 6.15
CA ALA A 34 10.92 -0.71 6.52
C ALA A 34 12.23 0.03 6.29
N LYS A 35 12.40 0.49 5.11
CA LYS A 35 13.63 1.23 4.74
C LYS A 35 13.81 2.48 5.58
N LEU A 36 12.83 3.35 5.61
CA LEU A 36 12.96 4.57 6.43
C LEU A 36 13.38 4.22 7.84
N ILE A 37 13.01 3.08 8.28
CA ILE A 37 13.34 2.59 9.60
C ILE A 37 14.80 2.13 9.63
N GLY A 38 15.15 1.21 8.79
CA GLY A 38 16.53 0.71 8.75
C GLY A 38 16.61 -0.67 9.38
N ILE A 39 15.76 -1.55 8.96
CA ILE A 39 15.74 -2.90 9.47
C ILE A 39 16.86 -3.71 8.87
N ASP A 40 16.50 -4.72 8.22
CA ASP A 40 17.48 -5.63 7.55
C ASP A 40 16.75 -6.78 6.86
N SER A 6 -15.46 3.63 -26.22
CA SER A 6 -16.46 2.63 -25.76
C SER A 6 -17.09 3.07 -24.44
N LYS A 7 -17.90 2.23 -23.85
CA LYS A 7 -18.56 2.60 -22.57
C LYS A 7 -17.52 3.10 -21.56
N LYS A 8 -17.29 4.39 -21.51
CA LYS A 8 -16.30 4.93 -20.55
C LYS A 8 -16.68 4.53 -19.11
N GLU A 9 -16.24 5.28 -18.14
CA GLU A 9 -16.59 4.95 -16.73
C GLU A 9 -15.91 5.93 -15.77
N LYS A 10 -16.54 7.03 -15.48
CA LYS A 10 -15.94 8.03 -14.55
C LYS A 10 -15.85 7.46 -13.14
N LYS A 11 -16.52 6.37 -12.87
CA LYS A 11 -16.48 5.79 -11.49
C LYS A 11 -15.04 5.80 -10.95
N LYS A 12 -14.78 6.62 -9.97
CA LYS A 12 -13.42 6.67 -9.39
C LYS A 12 -12.96 5.27 -8.97
N GLY A 13 -11.89 5.19 -8.23
CA GLY A 13 -11.36 3.87 -7.79
C GLY A 13 -12.47 3.07 -7.10
N PRO A 14 -12.06 2.01 -6.45
CA PRO A 14 -13.02 1.13 -5.73
C PRO A 14 -13.64 1.87 -4.54
N GLU A 15 -14.81 1.45 -4.13
CA GLU A 15 -15.48 2.12 -2.98
C GLU A 15 -15.06 1.47 -1.68
N LYS A 16 -14.14 0.61 -1.80
CA LYS A 16 -13.59 -0.11 -0.65
C LYS A 16 -12.79 0.84 0.24
N THR A 17 -12.58 0.49 1.48
CA THR A 17 -11.81 1.38 2.37
C THR A 17 -11.41 0.68 3.67
N ASP A 18 -12.17 -0.26 4.12
CA ASP A 18 -11.81 -0.97 5.38
C ASP A 18 -11.04 -2.24 5.07
N GLU A 19 -11.70 -3.19 4.51
CA GLU A 19 -11.02 -4.46 4.14
C GLU A 19 -9.96 -4.16 3.08
N TYR A 20 -10.05 -3.00 2.50
CA TYR A 20 -9.09 -2.59 1.46
C TYR A 20 -7.81 -2.05 2.09
N LEU A 21 -7.86 -1.70 3.35
CA LEU A 21 -6.65 -1.20 4.04
C LEU A 21 -5.46 -2.10 3.72
N LEU A 22 -5.59 -3.37 4.01
CA LEU A 22 -4.49 -4.31 3.73
C LEU A 22 -4.20 -4.35 2.23
N ALA A 23 -5.22 -4.27 1.43
CA ALA A 23 -5.00 -4.27 -0.04
C ALA A 23 -3.82 -3.34 -0.35
N ARG A 24 -3.71 -2.27 0.39
CA ARG A 24 -2.62 -1.31 0.17
C ARG A 24 -1.39 -1.63 1.03
N PHE A 25 -1.54 -2.42 2.06
CA PHE A 25 -0.40 -2.74 2.95
C PHE A 25 0.89 -2.94 2.14
N LYS A 26 0.91 -3.92 1.28
CA LYS A 26 2.12 -4.19 0.47
C LYS A 26 2.29 -3.22 -0.68
N GLY A 27 1.56 -2.16 -0.66
CA GLY A 27 1.64 -1.14 -1.74
C GLY A 27 2.67 -0.07 -1.38
N ASP A 28 2.20 1.04 -0.92
CA ASP A 28 3.11 2.15 -0.54
C ASP A 28 3.16 2.26 0.98
N GLY A 29 3.63 1.24 1.63
CA GLY A 29 3.72 1.29 3.11
C GLY A 29 4.96 0.51 3.57
N VAL A 30 4.81 -0.77 3.67
CA VAL A 30 5.93 -1.64 4.09
C VAL A 30 7.20 -1.35 3.28
N LYS A 31 7.05 -1.26 1.99
CA LYS A 31 8.22 -1.03 1.12
C LYS A 31 9.18 0.01 1.72
N TYR A 32 8.75 1.22 1.96
CA TYR A 32 9.66 2.22 2.54
C TYR A 32 9.60 2.21 4.07
N LYS A 33 8.49 1.82 4.65
CA LYS A 33 8.41 1.81 6.12
C LYS A 33 9.64 1.15 6.71
N ALA A 34 9.88 -0.05 6.29
CA ALA A 34 11.06 -0.80 6.77
C ALA A 34 12.33 0.01 6.57
N LYS A 35 12.53 0.44 5.38
CA LYS A 35 13.74 1.22 5.04
C LYS A 35 13.76 2.58 5.74
N LEU A 36 12.71 3.36 5.63
CA LEU A 36 12.71 4.69 6.27
C LEU A 36 13.09 4.57 7.74
N ILE A 37 12.92 3.41 8.29
CA ILE A 37 13.25 3.16 9.67
C ILE A 37 14.77 3.04 9.81
N GLY A 38 15.35 2.12 9.11
CA GLY A 38 16.82 1.96 9.18
C GLY A 38 17.20 0.53 9.56
N ILE A 39 16.54 -0.41 8.97
CA ILE A 39 16.82 -1.79 9.24
C ILE A 39 17.98 -2.26 8.39
N ASP A 40 17.73 -3.26 7.66
CA ASP A 40 18.76 -3.85 6.77
C ASP A 40 18.73 -3.18 5.40
N SER A 6 -13.12 -10.68 -29.49
CA SER A 6 -12.28 -11.90 -29.68
C SER A 6 -11.28 -12.05 -28.52
N LYS A 7 -11.76 -12.48 -27.38
CA LYS A 7 -10.86 -12.63 -26.21
C LYS A 7 -9.56 -13.32 -26.61
N LYS A 8 -8.45 -12.64 -26.47
CA LYS A 8 -7.15 -13.25 -26.85
C LYS A 8 -6.79 -14.38 -25.88
N GLU A 9 -7.62 -15.39 -25.79
CA GLU A 9 -7.32 -16.52 -24.87
C GLU A 9 -7.12 -16.02 -23.43
N LYS A 10 -7.31 -16.88 -22.46
CA LYS A 10 -7.13 -16.45 -21.04
C LYS A 10 -5.80 -15.70 -20.86
N LYS A 11 -5.83 -14.40 -20.99
CA LYS A 11 -4.58 -13.61 -20.83
C LYS A 11 -3.81 -14.11 -19.60
N LYS A 12 -2.52 -14.22 -19.70
CA LYS A 12 -1.71 -14.70 -18.54
C LYS A 12 -2.08 -13.93 -17.27
N GLY A 13 -1.69 -14.44 -16.13
CA GLY A 13 -2.00 -13.75 -14.85
C GLY A 13 -3.47 -13.32 -14.82
N PRO A 14 -3.79 -12.52 -13.85
CA PRO A 14 -5.18 -12.02 -13.70
C PRO A 14 -5.54 -11.06 -14.83
N GLU A 15 -6.81 -10.80 -15.01
CA GLU A 15 -7.23 -9.89 -16.10
C GLU A 15 -7.38 -8.48 -15.59
N LYS A 16 -7.00 -8.31 -14.39
CA LYS A 16 -7.07 -7.02 -13.72
C LYS A 16 -5.96 -6.10 -14.21
N THR A 17 -6.24 -4.84 -14.35
CA THR A 17 -5.19 -3.89 -14.81
C THR A 17 -5.63 -2.44 -14.65
N ASP A 18 -6.90 -2.18 -14.64
CA ASP A 18 -7.37 -0.76 -14.47
C ASP A 18 -7.79 -0.54 -13.04
N GLU A 19 -8.87 -1.14 -12.66
CA GLU A 19 -9.34 -1.01 -11.27
C GLU A 19 -8.33 -1.69 -10.36
N TYR A 20 -7.45 -2.46 -10.95
CA TYR A 20 -6.42 -3.17 -10.17
C TYR A 20 -5.31 -2.21 -9.75
N LEU A 21 -5.20 -1.09 -10.42
CA LEU A 21 -4.15 -0.11 -10.05
C LEU A 21 -4.23 0.17 -8.55
N LEU A 22 -5.37 0.60 -8.09
CA LEU A 22 -5.53 0.89 -6.65
C LEU A 22 -5.31 -0.37 -5.83
N ALA A 23 -5.69 -1.51 -6.34
CA ALA A 23 -5.48 -2.76 -5.58
C ALA A 23 -4.08 -2.75 -4.98
N ARG A 24 -3.13 -2.20 -5.70
CA ARG A 24 -1.74 -2.15 -5.22
C ARG A 24 -1.46 -0.86 -4.44
N PHE A 25 -2.26 0.15 -4.63
CA PHE A 25 -2.04 1.44 -3.93
C PHE A 25 -1.64 1.20 -2.46
N LYS A 26 -2.38 0.37 -1.77
CA LYS A 26 -2.08 0.10 -0.34
C LYS A 26 -0.84 -0.77 -0.16
N GLY A 27 -0.08 -0.95 -1.19
CA GLY A 27 1.14 -1.80 -1.08
C GLY A 27 2.37 -0.94 -0.84
N ASP A 28 2.22 0.33 -1.03
CA ASP A 28 3.36 1.25 -0.81
C ASP A 28 3.45 1.66 0.65
N GLY A 29 3.41 0.72 1.55
CA GLY A 29 3.49 1.07 3.00
C GLY A 29 4.81 0.54 3.56
N VAL A 30 4.86 -0.74 3.74
CA VAL A 30 6.08 -1.39 4.27
C VAL A 30 7.32 -0.96 3.47
N LYS A 31 7.18 -0.87 2.19
CA LYS A 31 8.33 -0.51 1.32
C LYS A 31 9.19 0.60 1.94
N TYR A 32 8.66 1.75 2.20
CA TYR A 32 9.50 2.81 2.79
C TYR A 32 9.43 2.78 4.31
N LYS A 33 8.34 2.33 4.87
CA LYS A 33 8.26 2.30 6.36
C LYS A 33 9.37 1.43 6.90
N ALA A 34 9.62 0.35 6.24
CA ALA A 34 10.69 -0.59 6.66
C ALA A 34 12.05 0.02 6.39
N LYS A 35 12.25 0.40 5.18
CA LYS A 35 13.54 1.01 4.77
C LYS A 35 13.81 2.29 5.56
N LEU A 36 12.90 3.22 5.56
CA LEU A 36 13.12 4.47 6.31
C LEU A 36 13.55 4.17 7.74
N ILE A 37 13.12 3.06 8.23
CA ILE A 37 13.46 2.64 9.58
C ILE A 37 14.90 2.13 9.62
N GLY A 38 15.21 1.15 8.81
CA GLY A 38 16.57 0.60 8.79
C GLY A 38 16.64 -0.71 9.56
N ILE A 39 15.77 -1.60 9.24
CA ILE A 39 15.72 -2.89 9.89
C ILE A 39 16.86 -3.76 9.42
N ASP A 40 16.51 -4.84 8.87
CA ASP A 40 17.52 -5.81 8.37
C ASP A 40 18.59 -5.09 7.54
N SER A 6 15.75 -31.58 0.53
CA SER A 6 16.26 -31.04 1.82
C SER A 6 15.80 -29.58 2.01
N LYS A 7 15.94 -28.78 0.98
CA LYS A 7 15.53 -27.35 1.09
C LYS A 7 14.18 -27.24 1.83
N LYS A 8 13.96 -26.13 2.48
CA LYS A 8 12.67 -25.96 3.23
C LYS A 8 11.47 -26.17 2.30
N GLU A 9 10.49 -26.89 2.77
CA GLU A 9 9.28 -27.15 1.94
C GLU A 9 8.69 -25.84 1.42
N LYS A 10 8.83 -25.55 0.16
CA LYS A 10 8.28 -24.28 -0.40
C LYS A 10 6.75 -24.27 -0.28
N LYS A 11 6.24 -23.65 0.74
CA LYS A 11 4.76 -23.60 0.91
C LYS A 11 4.08 -23.21 -0.40
N LYS A 12 2.87 -23.65 -0.60
CA LYS A 12 2.14 -23.32 -1.86
C LYS A 12 1.64 -21.86 -1.81
N GLY A 13 2.35 -20.97 -2.45
CA GLY A 13 1.92 -19.54 -2.43
C GLY A 13 0.41 -19.45 -2.67
N PRO A 14 -0.11 -18.28 -2.42
CA PRO A 14 -1.56 -18.02 -2.60
C PRO A 14 -1.93 -17.99 -4.08
N GLU A 15 -3.12 -18.44 -4.42
CA GLU A 15 -3.54 -18.44 -5.83
C GLU A 15 -4.41 -17.24 -6.12
N LYS A 16 -4.48 -16.41 -5.17
CA LYS A 16 -5.28 -15.17 -5.27
C LYS A 16 -4.64 -14.20 -6.25
N THR A 17 -5.42 -13.34 -6.85
CA THR A 17 -4.84 -12.37 -7.82
C THR A 17 -5.82 -11.23 -8.14
N ASP A 18 -7.08 -11.44 -8.00
CA ASP A 18 -8.05 -10.34 -8.28
C ASP A 18 -8.50 -9.71 -6.98
N GLU A 19 -9.27 -10.43 -6.24
CA GLU A 19 -9.72 -9.92 -4.92
C GLU A 19 -8.49 -9.71 -4.04
N TYR A 20 -7.39 -10.27 -4.44
CA TYR A 20 -6.14 -10.15 -3.67
C TYR A 20 -5.48 -8.79 -3.94
N LEU A 21 -5.84 -8.14 -5.01
CA LEU A 21 -5.26 -6.82 -5.32
C LEU A 21 -5.25 -5.97 -4.04
N LEU A 22 -6.39 -5.79 -3.45
CA LEU A 22 -6.48 -4.99 -2.21
C LEU A 22 -5.59 -5.63 -1.14
N ALA A 23 -5.47 -6.93 -1.16
CA ALA A 23 -4.60 -7.59 -0.17
C ALA A 23 -3.19 -7.01 -0.32
N ARG A 24 -2.76 -6.81 -1.54
CA ARG A 24 -1.43 -6.25 -1.81
C ARG A 24 -1.47 -4.72 -1.90
N PHE A 25 -2.63 -4.17 -2.06
CA PHE A 25 -2.77 -2.69 -2.17
C PHE A 25 -1.83 -1.98 -1.19
N LYS A 26 -1.45 -2.61 -0.12
CA LYS A 26 -0.55 -1.96 0.86
C LYS A 26 0.89 -1.85 0.35
N GLY A 27 1.09 -2.08 -0.89
CA GLY A 27 2.46 -2.00 -1.47
C GLY A 27 3.19 -0.79 -0.93
N ASP A 28 2.75 0.36 -1.34
CA ASP A 28 3.39 1.64 -0.88
C ASP A 28 3.13 1.82 0.60
N GLY A 29 3.58 0.90 1.40
CA GLY A 29 3.38 1.00 2.86
C GLY A 29 4.64 0.52 3.58
N VAL A 30 4.80 -0.77 3.66
CA VAL A 30 5.98 -1.37 4.33
C VAL A 30 7.28 -1.00 3.63
N LYS A 31 7.31 -1.06 2.33
CA LYS A 31 8.55 -0.76 1.59
C LYS A 31 9.30 0.44 2.18
N TYR A 32 8.71 1.59 2.25
CA TYR A 32 9.43 2.74 2.82
C TYR A 32 9.35 2.73 4.35
N LYS A 33 8.30 2.17 4.91
CA LYS A 33 8.22 2.14 6.39
C LYS A 33 9.40 1.34 6.93
N ALA A 34 9.68 0.27 6.28
CA ALA A 34 10.80 -0.59 6.68
C ALA A 34 12.12 0.08 6.37
N LYS A 35 12.28 0.45 5.15
CA LYS A 35 13.52 1.11 4.68
C LYS A 35 13.77 2.40 5.48
N LEU A 36 12.82 3.30 5.52
CA LEU A 36 13.02 4.54 6.28
C LEU A 36 13.53 4.22 7.67
N ILE A 37 13.12 3.10 8.16
CA ILE A 37 13.52 2.63 9.47
C ILE A 37 14.96 2.09 9.40
N GLY A 38 15.16 1.03 8.66
CA GLY A 38 16.51 0.46 8.49
C GLY A 38 17.07 -0.01 9.83
N ILE A 39 16.27 -0.60 10.61
CA ILE A 39 16.70 -1.11 11.90
C ILE A 39 17.50 -2.38 11.70
N ASP A 40 17.03 -3.39 12.28
CA ASP A 40 17.69 -4.73 12.19
C ASP A 40 17.95 -5.10 10.72
N SER A 6 5.22 -3.20 -8.73
CA SER A 6 4.97 -1.80 -9.16
C SER A 6 3.75 -1.75 -10.10
N LYS A 7 2.66 -2.34 -9.70
CA LYS A 7 1.46 -2.34 -10.57
C LYS A 7 1.25 -0.95 -11.17
N LYS A 8 0.67 -0.88 -12.33
CA LYS A 8 0.43 0.44 -12.99
C LYS A 8 -0.25 0.25 -14.34
N GLU A 9 0.27 -0.63 -15.15
CA GLU A 9 -0.35 -0.87 -16.49
C GLU A 9 -0.81 0.45 -17.12
N LYS A 10 0.09 1.12 -17.80
CA LYS A 10 -0.26 2.42 -18.46
C LYS A 10 -1.30 3.19 -17.63
N LYS A 11 -2.56 3.03 -17.91
CA LYS A 11 -3.60 3.77 -17.13
C LYS A 11 -3.36 3.63 -15.63
N LYS A 12 -2.63 4.54 -15.05
CA LYS A 12 -2.33 4.48 -13.60
C LYS A 12 -3.62 4.51 -12.77
N GLY A 13 -4.03 3.37 -12.26
CA GLY A 13 -5.27 3.32 -11.43
C GLY A 13 -6.35 4.22 -12.01
N PRO A 14 -7.33 4.50 -11.18
CA PRO A 14 -8.46 5.37 -11.59
C PRO A 14 -8.00 6.81 -11.82
N GLU A 15 -8.94 7.72 -11.96
CA GLU A 15 -8.57 9.14 -12.19
C GLU A 15 -8.37 9.86 -10.87
N LYS A 16 -8.46 9.11 -9.86
CA LYS A 16 -8.29 9.61 -8.49
C LYS A 16 -6.82 9.99 -8.24
N THR A 17 -6.54 10.79 -7.25
CA THR A 17 -5.12 11.16 -6.98
C THR A 17 -4.93 11.85 -5.62
N ASP A 18 -5.95 12.43 -5.06
CA ASP A 18 -5.78 13.08 -3.73
C ASP A 18 -6.38 12.20 -2.65
N GLU A 19 -7.66 12.12 -2.64
CA GLU A 19 -8.34 11.24 -1.65
C GLU A 19 -7.92 9.79 -1.91
N TYR A 20 -7.34 9.57 -3.05
CA TYR A 20 -6.88 8.20 -3.42
C TYR A 20 -5.55 7.89 -2.74
N LEU A 21 -4.84 8.88 -2.28
CA LEU A 21 -3.54 8.61 -1.61
C LEU A 21 -3.71 7.49 -0.60
N LEU A 22 -4.62 7.66 0.32
CA LEU A 22 -4.85 6.61 1.35
C LEU A 22 -5.34 5.33 0.70
N ALA A 23 -5.92 5.44 -0.46
CA ALA A 23 -6.40 4.24 -1.16
C ALA A 23 -5.22 3.27 -1.34
N ARG A 24 -4.08 3.81 -1.68
CA ARG A 24 -2.87 2.97 -1.88
C ARG A 24 -2.08 2.78 -0.59
N PHE A 25 -2.33 3.62 0.38
CA PHE A 25 -1.58 3.53 1.67
C PHE A 25 -1.39 2.06 2.08
N LYS A 26 -2.36 1.23 1.82
CA LYS A 26 -2.26 -0.20 2.20
C LYS A 26 -1.35 -0.99 1.27
N GLY A 27 -0.59 -0.32 0.48
CA GLY A 27 0.32 -1.02 -0.47
C GLY A 27 1.74 -0.50 -0.33
N ASP A 28 1.97 0.67 -0.80
CA ASP A 28 3.33 1.26 -0.74
C ASP A 28 3.66 1.74 0.68
N GLY A 29 3.29 1.03 1.70
CA GLY A 29 3.60 1.48 3.08
C GLY A 29 4.84 0.75 3.57
N VAL A 30 4.73 -0.53 3.66
CA VAL A 30 5.85 -1.38 4.12
C VAL A 30 7.12 -1.07 3.33
N LYS A 31 7.00 -0.92 2.05
CA LYS A 31 8.18 -0.65 1.20
C LYS A 31 9.14 0.35 1.84
N TYR A 32 8.69 1.55 2.11
CA TYR A 32 9.60 2.53 2.72
C TYR A 32 9.54 2.46 4.25
N LYS A 33 8.42 2.04 4.78
CA LYS A 33 8.32 1.93 6.26
C LYS A 33 9.54 1.20 6.80
N ALA A 34 9.78 0.06 6.26
CA ALA A 34 10.95 -0.76 6.67
C ALA A 34 12.23 0.00 6.44
N LYS A 35 12.41 0.45 5.24
CA LYS A 35 13.63 1.19 4.86
C LYS A 35 13.77 2.50 5.65
N LEU A 36 12.76 3.33 5.66
CA LEU A 36 12.86 4.60 6.39
C LEU A 36 13.33 4.37 7.82
N ILE A 37 13.10 3.21 8.31
CA ILE A 37 13.49 2.84 9.66
C ILE A 37 15.00 2.59 9.70
N GLY A 38 15.47 1.69 8.88
CA GLY A 38 16.92 1.38 8.86
C GLY A 38 17.15 -0.09 9.15
N ILE A 39 16.41 -0.92 8.51
CA ILE A 39 16.53 -2.35 8.71
C ILE A 39 17.75 -2.88 7.97
N ASP A 40 17.50 -3.74 7.09
CA ASP A 40 18.58 -4.36 6.26
C ASP A 40 17.98 -5.15 5.11
N SER A 6 -17.80 2.31 -5.62
CA SER A 6 -18.46 1.40 -6.59
C SER A 6 -18.30 1.92 -8.02
N LYS A 7 -17.26 2.68 -8.26
CA LYS A 7 -17.03 3.23 -9.62
C LYS A 7 -16.87 2.10 -10.64
N LYS A 8 -16.75 0.89 -10.19
CA LYS A 8 -16.60 -0.25 -11.14
C LYS A 8 -16.95 -1.57 -10.45
N GLU A 9 -17.54 -2.49 -11.17
CA GLU A 9 -17.90 -3.80 -10.58
C GLU A 9 -16.75 -4.36 -9.74
N LYS A 10 -15.54 -3.97 -10.04
CA LYS A 10 -14.38 -4.48 -9.28
C LYS A 10 -14.55 -4.21 -7.77
N LYS A 11 -15.44 -3.32 -7.43
CA LYS A 11 -15.69 -2.98 -5.99
C LYS A 11 -14.45 -3.24 -5.13
N LYS A 12 -13.42 -2.45 -5.31
CA LYS A 12 -12.18 -2.63 -4.53
C LYS A 12 -12.48 -2.64 -3.02
N GLY A 13 -12.00 -3.63 -2.31
CA GLY A 13 -12.24 -3.69 -0.85
C GLY A 13 -13.71 -3.40 -0.54
N PRO A 14 -13.99 -3.34 0.74
CA PRO A 14 -15.38 -3.08 1.22
C PRO A 14 -15.82 -1.64 0.90
N GLU A 15 -16.89 -1.21 1.51
CA GLU A 15 -17.40 0.16 1.26
C GLU A 15 -16.72 1.17 2.14
N LYS A 16 -15.77 0.69 2.84
CA LYS A 16 -14.98 1.51 3.75
C LYS A 16 -14.15 2.54 2.99
N THR A 17 -13.63 3.55 3.65
CA THR A 17 -12.82 4.56 2.92
C THR A 17 -12.01 5.46 3.88
N ASP A 18 -12.41 5.59 5.10
CA ASP A 18 -11.63 6.45 6.05
C ASP A 18 -10.79 5.59 6.97
N GLU A 19 -11.43 4.91 7.85
CA GLU A 19 -10.69 4.00 8.77
C GLU A 19 -10.05 2.91 7.93
N TYR A 20 -10.49 2.78 6.72
CA TYR A 20 -9.96 1.76 5.80
C TYR A 20 -8.60 2.20 5.25
N LEU A 21 -8.31 3.48 5.31
CA LEU A 21 -7.00 3.95 4.81
C LEU A 21 -5.92 3.00 5.30
N LEU A 22 -5.85 2.81 6.59
CA LEU A 22 -4.84 1.90 7.16
C LEU A 22 -5.07 0.49 6.60
N ALA A 23 -6.29 0.19 6.23
CA ALA A 23 -6.56 -1.15 5.66
C ALA A 23 -5.67 -1.33 4.42
N ARG A 24 -5.56 -0.28 3.64
CA ARG A 24 -4.73 -0.33 2.42
C ARG A 24 -3.29 0.07 2.72
N PHE A 25 -3.07 0.70 3.84
CA PHE A 25 -1.69 1.13 4.20
C PHE A 25 -0.68 0.04 3.86
N LYS A 26 -1.11 -1.20 3.81
CA LYS A 26 -0.20 -2.31 3.51
C LYS A 26 0.25 -2.34 2.04
N GLY A 27 -0.01 -1.30 1.32
CA GLY A 27 0.39 -1.24 -0.10
C GLY A 27 1.80 -0.68 -0.20
N ASP A 28 1.89 0.57 -0.55
CA ASP A 28 3.23 1.20 -0.65
C ASP A 28 3.66 1.73 0.72
N GLY A 29 3.30 1.08 1.77
CA GLY A 29 3.69 1.59 3.12
C GLY A 29 4.93 0.85 3.60
N VAL A 30 4.77 -0.41 3.81
CA VAL A 30 5.89 -1.26 4.27
C VAL A 30 7.13 -1.02 3.42
N LYS A 31 6.96 -0.95 2.13
CA LYS A 31 8.12 -0.76 1.24
C LYS A 31 9.11 0.26 1.80
N TYR A 32 8.70 1.48 2.02
CA TYR A 32 9.64 2.46 2.57
C TYR A 32 9.63 2.43 4.09
N LYS A 33 8.53 2.03 4.68
CA LYS A 33 8.48 1.98 6.16
C LYS A 33 9.64 1.15 6.68
N ALA A 34 9.88 0.07 6.02
CA ALA A 34 11.00 -0.81 6.40
C ALA A 34 12.31 -0.06 6.32
N LYS A 35 12.55 0.51 5.18
CA LYS A 35 13.79 1.28 4.95
C LYS A 35 13.83 2.57 5.79
N LEU A 36 12.81 3.39 5.69
CA LEU A 36 12.81 4.65 6.47
C LEU A 36 13.12 4.36 7.92
N ILE A 37 12.89 3.15 8.33
CA ILE A 37 13.16 2.74 9.69
C ILE A 37 14.67 2.55 9.88
N GLY A 38 15.24 1.64 9.13
CA GLY A 38 16.70 1.41 9.20
C GLY A 38 17.11 0.67 10.47
N ILE A 39 16.47 -0.39 10.76
CA ILE A 39 16.79 -1.20 11.92
C ILE A 39 18.09 -1.93 11.70
N ASP A 40 18.02 -3.18 11.70
CA ASP A 40 19.20 -4.04 11.49
C ASP A 40 18.76 -5.46 11.11
N SER A 6 -11.50 -13.19 -2.84
CA SER A 6 -12.32 -13.80 -3.93
C SER A 6 -13.61 -14.40 -3.34
N LYS A 7 -13.63 -14.61 -2.05
CA LYS A 7 -14.84 -15.18 -1.41
C LYS A 7 -16.02 -14.19 -1.50
N LYS A 8 -16.41 -13.82 -2.69
CA LYS A 8 -17.53 -12.87 -2.85
C LYS A 8 -18.77 -13.40 -2.12
N GLU A 9 -19.93 -12.85 -2.42
CA GLU A 9 -21.16 -13.31 -1.74
C GLU A 9 -20.94 -13.45 -0.24
N LYS A 10 -20.54 -14.61 0.22
CA LYS A 10 -20.30 -14.80 1.68
C LYS A 10 -19.58 -13.58 2.25
N LYS A 11 -20.19 -12.90 3.20
CA LYS A 11 -19.57 -11.67 3.82
C LYS A 11 -18.08 -11.56 3.51
N LYS A 12 -17.74 -11.03 2.38
CA LYS A 12 -16.31 -10.90 2.00
C LYS A 12 -15.51 -10.22 3.12
N GLY A 13 -14.41 -10.81 3.50
CA GLY A 13 -13.56 -10.20 4.58
C GLY A 13 -14.46 -9.65 5.69
N PRO A 14 -13.86 -8.81 6.48
CA PRO A 14 -14.59 -8.18 7.62
C PRO A 14 -15.65 -7.21 7.11
N GLU A 15 -16.51 -6.74 7.97
CA GLU A 15 -17.57 -5.80 7.55
C GLU A 15 -17.11 -4.36 7.74
N LYS A 16 -15.88 -4.26 8.04
CA LYS A 16 -15.24 -2.95 8.25
C LYS A 16 -15.30 -2.12 6.96
N THR A 17 -15.20 -0.82 7.06
CA THR A 17 -15.27 0.00 5.82
C THR A 17 -14.80 1.44 6.05
N ASP A 18 -14.87 1.94 7.24
CA ASP A 18 -14.41 3.34 7.48
C ASP A 18 -13.02 3.35 8.09
N GLU A 19 -12.94 2.93 9.31
CA GLU A 19 -11.62 2.86 9.98
C GLU A 19 -10.76 1.85 9.23
N TYR A 20 -11.38 1.06 8.41
CA TYR A 20 -10.67 0.03 7.63
C TYR A 20 -9.99 0.65 6.40
N LEU A 21 -10.42 1.81 6.00
CA LEU A 21 -9.79 2.48 4.83
C LEU A 21 -8.28 2.35 4.93
N LEU A 22 -7.72 2.81 6.01
CA LEU A 22 -6.24 2.73 6.18
C LEU A 22 -5.81 1.27 6.25
N ALA A 23 -6.63 0.43 6.79
CA ALA A 23 -6.25 -1.01 6.87
C ALA A 23 -5.61 -1.43 5.54
N ARG A 24 -6.07 -0.85 4.46
CA ARG A 24 -5.52 -1.17 3.13
C ARG A 24 -4.35 -0.26 2.76
N PHE A 25 -4.22 0.84 3.44
CA PHE A 25 -3.11 1.80 3.13
C PHE A 25 -1.75 1.10 3.21
N LYS A 26 -1.70 -0.09 3.73
CA LYS A 26 -0.41 -0.79 3.87
C LYS A 26 0.17 -1.25 2.52
N GLY A 27 -0.35 -0.75 1.46
CA GLY A 27 0.16 -1.15 0.11
C GLY A 27 1.63 -0.77 0.01
N ASP A 28 1.89 0.41 -0.46
CA ASP A 28 3.29 0.88 -0.60
C ASP A 28 3.79 1.48 0.71
N GLY A 29 3.30 1.02 1.83
CA GLY A 29 3.76 1.58 3.13
C GLY A 29 4.99 0.82 3.58
N VAL A 30 4.83 -0.46 3.66
CA VAL A 30 5.94 -1.35 4.08
C VAL A 30 7.20 -1.02 3.29
N LYS A 31 7.09 -0.87 2.01
CA LYS A 31 8.29 -0.60 1.19
C LYS A 31 9.20 0.46 1.84
N TYR A 32 8.70 1.64 2.07
CA TYR A 32 9.56 2.67 2.68
C TYR A 32 9.47 2.65 4.21
N LYS A 33 8.37 2.24 4.77
CA LYS A 33 8.27 2.20 6.25
C LYS A 33 9.44 1.42 6.80
N ALA A 34 9.69 0.31 6.22
CA ALA A 34 10.80 -0.56 6.66
C ALA A 34 12.12 0.14 6.39
N LYS A 35 12.31 0.51 5.17
CA LYS A 35 13.56 1.19 4.76
C LYS A 35 13.79 2.44 5.60
N LEU A 36 12.84 3.33 5.66
CA LEU A 36 13.02 4.54 6.47
C LEU A 36 13.45 4.15 7.88
N ILE A 37 13.01 3.01 8.30
CA ILE A 37 13.32 2.49 9.60
C ILE A 37 14.71 1.84 9.59
N GLY A 38 14.86 0.79 8.81
CA GLY A 38 16.17 0.12 8.71
C GLY A 38 16.51 -0.68 9.96
N ILE A 39 15.60 -1.48 10.40
CA ILE A 39 15.83 -2.31 11.58
C ILE A 39 16.80 -3.43 11.24
N ASP A 40 16.32 -4.59 11.34
CA ASP A 40 17.14 -5.79 11.06
C ASP A 40 16.27 -7.05 11.19
N SER A 6 -10.56 -11.71 -18.39
CA SER A 6 -10.60 -10.46 -19.20
C SER A 6 -9.38 -10.37 -20.12
N LYS A 7 -8.20 -10.34 -19.55
CA LYS A 7 -6.97 -10.27 -20.39
C LYS A 7 -5.73 -10.31 -19.51
N LYS A 8 -5.18 -11.48 -19.29
CA LYS A 8 -3.96 -11.59 -18.45
C LYS A 8 -4.19 -10.94 -17.08
N GLU A 9 -5.04 -11.52 -16.28
CA GLU A 9 -5.31 -10.93 -14.93
C GLU A 9 -4.00 -10.48 -14.28
N LYS A 10 -2.90 -11.09 -14.65
CA LYS A 10 -1.59 -10.71 -14.05
C LYS A 10 -1.32 -9.21 -14.28
N LYS A 11 -2.07 -8.59 -15.15
CA LYS A 11 -1.85 -7.14 -15.42
C LYS A 11 -1.77 -6.36 -14.11
N LYS A 12 -1.62 -5.06 -14.19
CA LYS A 12 -1.52 -4.22 -12.97
C LYS A 12 -2.48 -4.72 -11.89
N GLY A 13 -1.99 -5.46 -10.94
CA GLY A 13 -2.86 -5.98 -9.86
C GLY A 13 -4.06 -6.72 -10.45
N PRO A 14 -4.78 -7.38 -9.60
CA PRO A 14 -5.98 -8.16 -10.02
C PRO A 14 -7.11 -7.21 -10.43
N GLU A 15 -8.21 -7.75 -10.90
CA GLU A 15 -9.35 -6.89 -11.31
C GLU A 15 -10.29 -6.67 -10.14
N LYS A 16 -9.84 -7.10 -9.04
CA LYS A 16 -10.59 -6.99 -7.77
C LYS A 16 -10.65 -5.53 -7.31
N THR A 17 -11.27 -5.26 -6.18
CA THR A 17 -11.33 -3.85 -5.70
C THR A 17 -11.78 -3.71 -4.24
N ASP A 18 -12.41 -4.69 -3.67
CA ASP A 18 -12.84 -4.55 -2.24
C ASP A 18 -11.95 -5.39 -1.33
N GLU A 19 -12.09 -6.67 -1.40
CA GLU A 19 -11.23 -7.55 -0.57
C GLU A 19 -9.78 -7.35 -1.00
N TYR A 20 -9.61 -6.73 -2.13
CA TYR A 20 -8.27 -6.45 -2.68
C TYR A 20 -7.64 -5.24 -1.99
N LEU A 21 -8.45 -4.44 -1.35
CA LEU A 21 -7.90 -3.25 -0.65
C LEU A 21 -6.64 -3.65 0.11
N LEU A 22 -6.77 -4.61 0.99
CA LEU A 22 -5.59 -5.07 1.75
C LEU A 22 -4.54 -5.62 0.81
N ALA A 23 -4.95 -6.29 -0.24
CA ALA A 23 -3.95 -6.80 -1.19
C ALA A 23 -2.98 -5.67 -1.52
N ARG A 24 -3.48 -4.46 -1.53
CA ARG A 24 -2.65 -3.29 -1.82
C ARG A 24 -2.05 -2.69 -0.55
N PHE A 25 -2.61 -2.99 0.59
CA PHE A 25 -2.08 -2.43 1.86
C PHE A 25 -0.56 -2.52 1.86
N LYS A 26 -0.03 -3.65 1.48
CA LYS A 26 1.44 -3.83 1.46
C LYS A 26 2.08 -3.17 0.24
N GLY A 27 1.34 -2.36 -0.43
CA GLY A 27 1.85 -1.66 -1.64
C GLY A 27 2.82 -0.55 -1.25
N ASP A 28 2.31 0.62 -1.07
CA ASP A 28 3.17 1.78 -0.69
C ASP A 28 3.08 2.02 0.81
N GLY A 29 3.46 1.05 1.58
CA GLY A 29 3.41 1.19 3.06
C GLY A 29 4.66 0.57 3.65
N VAL A 30 4.72 -0.72 3.63
CA VAL A 30 5.88 -1.47 4.18
C VAL A 30 7.18 -1.15 3.43
N LYS A 31 7.12 -1.13 2.13
CA LYS A 31 8.35 -0.90 1.32
C LYS A 31 9.23 0.21 1.90
N TYR A 32 8.75 1.42 2.02
CA TYR A 32 9.62 2.48 2.58
C TYR A 32 9.62 2.44 4.11
N LYS A 33 8.53 2.08 4.73
CA LYS A 33 8.51 2.04 6.20
C LYS A 33 9.73 1.28 6.70
N ALA A 34 9.84 0.08 6.25
CA ALA A 34 10.99 -0.78 6.64
C ALA A 34 12.30 -0.03 6.45
N LYS A 35 12.50 0.45 5.28
CA LYS A 35 13.75 1.18 4.95
C LYS A 35 13.84 2.51 5.71
N LEU A 36 12.84 3.36 5.62
CA LEU A 36 12.90 4.64 6.34
C LEU A 36 13.24 4.41 7.79
N ILE A 37 12.96 3.25 8.28
CA ILE A 37 13.25 2.90 9.65
C ILE A 37 14.75 2.64 9.81
N GLY A 38 15.26 1.69 9.07
CA GLY A 38 16.72 1.40 9.13
C GLY A 38 17.04 0.39 10.23
N ILE A 39 16.37 -0.70 10.24
CA ILE A 39 16.61 -1.73 11.23
C ILE A 39 17.90 -2.45 10.91
N ASP A 40 17.77 -3.70 10.70
CA ASP A 40 18.93 -4.56 10.37
C ASP A 40 19.56 -4.14 9.04
N SER A 6 -35.49 -9.41 -6.37
CA SER A 6 -35.00 -10.18 -5.19
C SER A 6 -33.47 -10.27 -5.22
N LYS A 7 -32.92 -11.02 -6.14
CA LYS A 7 -31.44 -11.15 -6.22
C LYS A 7 -30.78 -9.77 -6.13
N LYS A 8 -31.49 -8.74 -6.51
CA LYS A 8 -30.90 -7.38 -6.46
C LYS A 8 -30.21 -7.14 -5.11
N GLU A 9 -30.97 -6.89 -4.08
CA GLU A 9 -30.35 -6.65 -2.74
C GLU A 9 -29.44 -5.41 -2.80
N LYS A 10 -29.76 -4.40 -2.04
CA LYS A 10 -28.94 -3.16 -2.04
C LYS A 10 -27.44 -3.51 -2.00
N LYS A 11 -26.74 -3.28 -3.07
CA LYS A 11 -25.29 -3.58 -3.10
C LYS A 11 -24.55 -2.82 -2.00
N LYS A 12 -24.63 -3.29 -0.78
CA LYS A 12 -23.95 -2.58 0.34
C LYS A 12 -22.49 -2.27 -0.02
N GLY A 13 -22.06 -1.06 0.24
CA GLY A 13 -20.66 -0.68 -0.09
C GLY A 13 -19.70 -1.77 0.40
N PRO A 14 -18.46 -1.62 0.03
CA PRO A 14 -17.42 -2.60 0.43
C PRO A 14 -17.11 -2.49 1.92
N GLU A 15 -16.73 -3.58 2.54
CA GLU A 15 -16.42 -3.56 3.98
C GLU A 15 -14.92 -3.48 4.19
N LYS A 16 -14.27 -3.23 3.12
CA LYS A 16 -12.80 -3.10 3.10
C LYS A 16 -12.40 -1.71 3.55
N THR A 17 -12.16 -1.54 4.80
CA THR A 17 -11.76 -0.21 5.32
C THR A 17 -10.96 -0.36 6.62
N ASP A 18 -11.25 -1.37 7.37
CA ASP A 18 -10.48 -1.60 8.63
C ASP A 18 -9.57 -2.78 8.41
N GLU A 19 -10.15 -3.92 8.29
CA GLU A 19 -9.37 -5.13 8.02
C GLU A 19 -8.74 -5.01 6.63
N TYR A 20 -9.22 -4.06 5.88
CA TYR A 20 -8.71 -3.83 4.51
C TYR A 20 -7.39 -3.04 4.56
N LEU A 21 -7.14 -2.36 5.65
CA LEU A 21 -5.88 -1.58 5.77
C LEU A 21 -4.71 -2.45 5.31
N LEU A 22 -4.55 -3.60 5.93
CA LEU A 22 -3.45 -4.50 5.53
C LEU A 22 -3.60 -4.91 4.07
N ALA A 23 -4.81 -5.09 3.62
CA ALA A 23 -5.00 -5.46 2.21
C ALA A 23 -4.14 -4.55 1.34
N ARG A 24 -4.06 -3.30 1.70
CA ARG A 24 -3.25 -2.33 0.92
C ARG A 24 -1.82 -2.25 1.44
N PHE A 25 -1.58 -2.71 2.63
CA PHE A 25 -0.21 -2.65 3.21
C PHE A 25 0.85 -3.08 2.18
N LYS A 26 0.56 -4.09 1.40
CA LYS A 26 1.54 -4.59 0.40
C LYS A 26 1.78 -3.61 -0.76
N GLY A 27 1.38 -2.39 -0.61
CA GLY A 27 1.57 -1.42 -1.71
C GLY A 27 2.65 -0.39 -1.35
N ASP A 28 2.22 0.79 -0.98
CA ASP A 28 3.18 1.87 -0.62
C ASP A 28 3.15 2.11 0.88
N GLY A 29 3.57 1.14 1.63
CA GLY A 29 3.60 1.28 3.10
C GLY A 29 4.83 0.58 3.64
N VAL A 30 4.77 -0.72 3.67
CA VAL A 30 5.91 -1.53 4.16
C VAL A 30 7.19 -1.23 3.37
N LYS A 31 7.10 -1.18 2.08
CA LYS A 31 8.31 -0.95 1.25
C LYS A 31 9.22 0.13 1.84
N TYR A 32 8.75 1.34 2.02
CA TYR A 32 9.62 2.38 2.57
C TYR A 32 9.57 2.38 4.11
N LYS A 33 8.48 1.97 4.69
CA LYS A 33 8.43 1.95 6.18
C LYS A 33 9.65 1.22 6.71
N ALA A 34 9.84 0.05 6.23
CA ALA A 34 10.99 -0.78 6.65
C ALA A 34 12.28 -0.01 6.47
N LYS A 35 12.48 0.46 5.29
CA LYS A 35 13.71 1.21 4.95
C LYS A 35 13.79 2.54 5.71
N LEU A 36 12.78 3.37 5.62
CA LEU A 36 12.83 4.66 6.33
C LEU A 36 13.19 4.47 7.79
N ILE A 37 12.94 3.30 8.28
CA ILE A 37 13.23 2.96 9.65
C ILE A 37 14.74 2.73 9.82
N GLY A 38 15.28 1.82 9.07
CA GLY A 38 16.72 1.53 9.17
C GLY A 38 16.95 0.13 9.72
N ILE A 39 16.24 -0.81 9.19
CA ILE A 39 16.35 -2.18 9.61
C ILE A 39 17.60 -2.81 9.03
N ASP A 40 17.40 -3.82 8.30
CA ASP A 40 18.52 -4.55 7.65
C ASP A 40 17.96 -5.71 6.83
N SER A 6 -3.23 3.18 -15.39
CA SER A 6 -4.32 4.19 -15.45
C SER A 6 -3.93 5.44 -14.65
N LYS A 7 -4.84 5.98 -13.87
CA LYS A 7 -4.52 7.18 -13.07
C LYS A 7 -5.77 7.69 -12.37
N LYS A 8 -5.65 8.70 -11.56
CA LYS A 8 -6.83 9.24 -10.84
C LYS A 8 -6.42 10.45 -9.99
N GLU A 9 -5.61 11.32 -10.53
CA GLU A 9 -5.17 12.51 -9.77
C GLU A 9 -6.37 13.17 -9.07
N LYS A 10 -7.56 12.93 -9.56
CA LYS A 10 -8.78 13.55 -8.93
C LYS A 10 -8.82 13.25 -7.42
N LYS A 11 -9.98 13.41 -6.83
CA LYS A 11 -10.11 13.16 -5.36
C LYS A 11 -9.30 11.93 -4.94
N LYS A 12 -8.45 12.08 -3.97
CA LYS A 12 -7.62 10.94 -3.50
C LYS A 12 -8.52 9.88 -2.85
N GLY A 13 -7.92 8.86 -2.29
CA GLY A 13 -8.71 7.79 -1.64
C GLY A 13 -9.66 8.41 -0.60
N PRO A 14 -10.24 7.54 0.19
CA PRO A 14 -11.19 7.98 1.24
C PRO A 14 -10.46 8.78 2.34
N GLU A 15 -11.14 9.04 3.43
CA GLU A 15 -10.53 9.81 4.53
C GLU A 15 -9.91 8.88 5.54
N LYS A 16 -9.82 7.67 5.15
CA LYS A 16 -9.25 6.62 5.99
C LYS A 16 -7.80 6.93 6.34
N THR A 17 -7.28 6.37 7.40
CA THR A 17 -5.87 6.66 7.78
C THR A 17 -5.35 5.66 8.81
N ASP A 18 -6.21 5.10 9.62
CA ASP A 18 -5.73 4.11 10.64
C ASP A 18 -5.92 2.71 10.12
N GLU A 19 -7.13 2.28 10.04
CA GLU A 19 -7.41 0.93 9.51
C GLU A 19 -6.97 0.88 8.05
N TYR A 20 -6.74 2.03 7.48
CA TYR A 20 -6.31 2.11 6.07
C TYR A 20 -4.82 1.77 5.94
N LEU A 21 -4.09 1.87 7.03
CA LEU A 21 -2.65 1.53 6.98
C LEU A 21 -2.47 0.23 6.22
N LEU A 22 -3.14 -0.80 6.67
CA LEU A 22 -3.04 -2.12 6.00
C LEU A 22 -3.56 -2.01 4.57
N ALA A 23 -4.42 -1.06 4.33
CA ALA A 23 -4.94 -0.89 2.95
C ALA A 23 -3.76 -0.73 2.00
N ARG A 24 -2.81 0.08 2.39
CA ARG A 24 -1.62 0.30 1.54
C ARG A 24 -0.52 -0.71 1.86
N PHE A 25 -0.60 -1.35 2.99
CA PHE A 25 0.43 -2.34 3.38
C PHE A 25 0.83 -3.19 2.17
N LYS A 26 -0.11 -3.64 1.40
CA LYS A 26 0.20 -4.48 0.24
C LYS A 26 0.83 -3.71 -0.92
N GLY A 27 1.28 -2.52 -0.67
CA GLY A 27 1.90 -1.73 -1.78
C GLY A 27 2.86 -0.67 -1.24
N ASP A 28 2.40 0.54 -1.16
CA ASP A 28 3.26 1.66 -0.68
C ASP A 28 3.11 1.84 0.83
N GLY A 29 3.40 0.82 1.56
CA GLY A 29 3.29 0.91 3.04
C GLY A 29 4.58 0.37 3.64
N VAL A 30 4.79 -0.89 3.47
CA VAL A 30 5.99 -1.58 4.00
C VAL A 30 7.29 -1.12 3.29
N LYS A 31 7.25 -1.02 1.99
CA LYS A 31 8.47 -0.66 1.22
C LYS A 31 9.30 0.45 1.90
N TYR A 32 8.75 1.61 2.12
CA TYR A 32 9.58 2.66 2.73
C TYR A 32 9.53 2.64 4.26
N LYS A 33 8.41 2.34 4.85
CA LYS A 33 8.36 2.33 6.34
C LYS A 33 9.52 1.49 6.88
N ALA A 34 9.61 0.31 6.40
CA ALA A 34 10.71 -0.60 6.83
C ALA A 34 12.06 0.01 6.54
N LYS A 35 12.24 0.37 5.32
CA LYS A 35 13.52 0.97 4.88
C LYS A 35 13.80 2.30 5.60
N LEU A 36 12.88 3.23 5.57
CA LEU A 36 13.12 4.52 6.25
C LEU A 36 13.56 4.30 7.69
N ILE A 37 13.17 3.19 8.24
CA ILE A 37 13.52 2.85 9.60
C ILE A 37 14.99 2.41 9.67
N GLY A 38 15.34 1.44 8.87
CA GLY A 38 16.72 0.95 8.86
C GLY A 38 16.78 -0.46 9.43
N ILE A 39 15.92 -1.30 8.95
CA ILE A 39 15.87 -2.67 9.39
C ILE A 39 17.00 -3.46 8.78
N ASP A 40 16.63 -4.45 8.09
CA ASP A 40 17.60 -5.34 7.40
C ASP A 40 18.67 -4.50 6.68
#